data_1AG6
# 
_entry.id   1AG6 
# 
_audit_conform.dict_name       mmcif_pdbx.dic 
_audit_conform.dict_version    5.392 
_audit_conform.dict_location   http://mmcif.pdb.org/dictionaries/ascii/mmcif_pdbx.dic 
# 
loop_
_database_2.database_id 
_database_2.database_code 
_database_2.pdbx_database_accession 
_database_2.pdbx_DOI 
PDB   1AG6         pdb_00001ag6 10.2210/pdb1ag6/pdb 
WWPDB D_1000170775 ?            ?                   
# 
loop_
_pdbx_audit_revision_history.ordinal 
_pdbx_audit_revision_history.data_content_type 
_pdbx_audit_revision_history.major_revision 
_pdbx_audit_revision_history.minor_revision 
_pdbx_audit_revision_history.revision_date 
1 'Structure model' 1 0 1998-10-21 
2 'Structure model' 1 1 2008-03-24 
3 'Structure model' 1 2 2011-07-13 
4 'Structure model' 1 3 2021-11-03 
5 'Structure model' 1 4 2023-08-02 
6 'Structure model' 1 5 2024-05-22 
# 
_pdbx_audit_revision_details.ordinal             1 
_pdbx_audit_revision_details.revision_ordinal    1 
_pdbx_audit_revision_details.data_content_type   'Structure model' 
_pdbx_audit_revision_details.provider            repository 
_pdbx_audit_revision_details.type                'Initial release' 
_pdbx_audit_revision_details.description         ? 
_pdbx_audit_revision_details.details             ? 
# 
loop_
_pdbx_audit_revision_group.ordinal 
_pdbx_audit_revision_group.revision_ordinal 
_pdbx_audit_revision_group.data_content_type 
_pdbx_audit_revision_group.group 
1 2 'Structure model' 'Version format compliance' 
2 3 'Structure model' 'Version format compliance' 
3 4 'Structure model' 'Database references'       
4 4 'Structure model' 'Derived calculations'      
5 5 'Structure model' 'Refinement description'    
6 6 'Structure model' 'Data collection'           
# 
loop_
_pdbx_audit_revision_category.ordinal 
_pdbx_audit_revision_category.revision_ordinal 
_pdbx_audit_revision_category.data_content_type 
_pdbx_audit_revision_category.category 
1 4 'Structure model' database_2                    
2 4 'Structure model' struct_conn                   
3 4 'Structure model' struct_ref_seq_dif            
4 4 'Structure model' struct_site                   
5 5 'Structure model' pdbx_initial_refinement_model 
6 6 'Structure model' chem_comp_atom                
7 6 'Structure model' chem_comp_bond                
# 
loop_
_pdbx_audit_revision_item.ordinal 
_pdbx_audit_revision_item.revision_ordinal 
_pdbx_audit_revision_item.data_content_type 
_pdbx_audit_revision_item.item 
1  4 'Structure model' '_database_2.pdbx_DOI'                
2  4 'Structure model' '_database_2.pdbx_database_accession' 
3  4 'Structure model' '_struct_conn.ptnr1_auth_comp_id'     
4  4 'Structure model' '_struct_conn.ptnr1_auth_seq_id'      
5  4 'Structure model' '_struct_conn.ptnr1_label_asym_id'    
6  4 'Structure model' '_struct_conn.ptnr1_label_atom_id'    
7  4 'Structure model' '_struct_conn.ptnr1_label_comp_id'    
8  4 'Structure model' '_struct_conn.ptnr1_label_seq_id'     
9  4 'Structure model' '_struct_conn.ptnr2_auth_comp_id'     
10 4 'Structure model' '_struct_conn.ptnr2_auth_seq_id'      
11 4 'Structure model' '_struct_conn.ptnr2_label_asym_id'    
12 4 'Structure model' '_struct_conn.ptnr2_label_atom_id'    
13 4 'Structure model' '_struct_conn.ptnr2_label_comp_id'    
14 4 'Structure model' '_struct_conn.ptnr2_label_seq_id'     
15 4 'Structure model' '_struct_ref_seq_dif.details'         
16 4 'Structure model' '_struct_site.pdbx_auth_asym_id'      
17 4 'Structure model' '_struct_site.pdbx_auth_comp_id'      
18 4 'Structure model' '_struct_site.pdbx_auth_seq_id'       
# 
_pdbx_database_status.status_code                     REL 
_pdbx_database_status.entry_id                        1AG6 
_pdbx_database_status.recvd_initial_deposition_date   1997-04-02 
_pdbx_database_status.deposit_site                    ? 
_pdbx_database_status.process_site                    BNL 
_pdbx_database_status.SG_entry                        . 
_pdbx_database_status.pdb_format_compatible           Y 
_pdbx_database_status.status_code_mr                  ? 
_pdbx_database_status.status_code_sf                  ? 
_pdbx_database_status.status_code_cs                  ? 
_pdbx_database_status.status_code_nmr_data            ? 
_pdbx_database_status.methods_development_category    ? 
# 
loop_
_audit_author.name 
_audit_author.pdbx_ordinal 
'Xue, Y.'    1 
'Okvist, M.' 2 
'Young, S.'  3 
# 
_citation.id                        primary 
_citation.title                     'Crystal structure of spinach plastocyanin at 1.7 A resolution.' 
_citation.journal_abbrev            'Protein Sci.' 
_citation.journal_volume            7 
_citation.page_first                2099 
_citation.page_last                 2105 
_citation.year                      1998 
_citation.journal_id_ASTM           PRCIEI 
_citation.country                   US 
_citation.journal_id_ISSN           0961-8368 
_citation.journal_id_CSD            0795 
_citation.book_publisher            ? 
_citation.pdbx_database_id_PubMed   9792096 
_citation.pdbx_database_id_DOI      ? 
# 
loop_
_citation_author.citation_id 
_citation_author.name 
_citation_author.ordinal 
_citation_author.identifier_ORCID 
primary 'Xue, Y.'     1 ? 
primary 'Okvist, M.'  2 ? 
primary 'Hansson, O.' 3 ? 
primary 'Young, S.'   4 ? 
# 
loop_
_entity.id 
_entity.type 
_entity.src_method 
_entity.pdbx_description 
_entity.formula_weight 
_entity.pdbx_number_of_molecules 
_entity.pdbx_ec 
_entity.pdbx_mutation 
_entity.pdbx_fragment 
_entity.details 
1 polymer     man PLASTOCYANIN      10478.593 1  ? G8D ? ? 
2 non-polymer syn 'COPPER (II) ION' 63.546    1  ? ?   ? ? 
3 water       nat water             18.015    64 ? ?   ? ? 
# 
_entity_poly.entity_id                      1 
_entity_poly.type                           'polypeptide(L)' 
_entity_poly.nstd_linkage                   no 
_entity_poly.nstd_monomer                   no 
_entity_poly.pdbx_seq_one_letter_code       
;VEVLLGGDDGSLAFLPGDFSVASGEEIVFKNNAGFPHNVVFDEDEIPSGVDAAKISMSEEDLLNAPGETYKVTLTEKGTY
KFYCSPHQGAGMVGKVTVN
;
_entity_poly.pdbx_seq_one_letter_code_can   
;VEVLLGGDDGSLAFLPGDFSVASGEEIVFKNNAGFPHNVVFDEDEIPSGVDAAKISMSEEDLLNAPGETYKVTLTEKGTY
KFYCSPHQGAGMVGKVTVN
;
_entity_poly.pdbx_strand_id                 A 
_entity_poly.pdbx_target_identifier         ? 
# 
loop_
_pdbx_entity_nonpoly.entity_id 
_pdbx_entity_nonpoly.name 
_pdbx_entity_nonpoly.comp_id 
2 'COPPER (II) ION' CU  
3 water             HOH 
# 
loop_
_entity_poly_seq.entity_id 
_entity_poly_seq.num 
_entity_poly_seq.mon_id 
_entity_poly_seq.hetero 
1 1  VAL n 
1 2  GLU n 
1 3  VAL n 
1 4  LEU n 
1 5  LEU n 
1 6  GLY n 
1 7  GLY n 
1 8  ASP n 
1 9  ASP n 
1 10 GLY n 
1 11 SER n 
1 12 LEU n 
1 13 ALA n 
1 14 PHE n 
1 15 LEU n 
1 16 PRO n 
1 17 GLY n 
1 18 ASP n 
1 19 PHE n 
1 20 SER n 
1 21 VAL n 
1 22 ALA n 
1 23 SER n 
1 24 GLY n 
1 25 GLU n 
1 26 GLU n 
1 27 ILE n 
1 28 VAL n 
1 29 PHE n 
1 30 LYS n 
1 31 ASN n 
1 32 ASN n 
1 33 ALA n 
1 34 GLY n 
1 35 PHE n 
1 36 PRO n 
1 37 HIS n 
1 38 ASN n 
1 39 VAL n 
1 40 VAL n 
1 41 PHE n 
1 42 ASP n 
1 43 GLU n 
1 44 ASP n 
1 45 GLU n 
1 46 ILE n 
1 47 PRO n 
1 48 SER n 
1 49 GLY n 
1 50 VAL n 
1 51 ASP n 
1 52 ALA n 
1 53 ALA n 
1 54 LYS n 
1 55 ILE n 
1 56 SER n 
1 57 MET n 
1 58 SER n 
1 59 GLU n 
1 60 GLU n 
1 61 ASP n 
1 62 LEU n 
1 63 LEU n 
1 64 ASN n 
1 65 ALA n 
1 66 PRO n 
1 67 GLY n 
1 68 GLU n 
1 69 THR n 
1 70 TYR n 
1 71 LYS n 
1 72 VAL n 
1 73 THR n 
1 74 LEU n 
1 75 THR n 
1 76 GLU n 
1 77 LYS n 
1 78 GLY n 
1 79 THR n 
1 80 TYR n 
1 81 LYS n 
1 82 PHE n 
1 83 TYR n 
1 84 CYS n 
1 85 SER n 
1 86 PRO n 
1 87 HIS n 
1 88 GLN n 
1 89 GLY n 
1 90 ALA n 
1 91 GLY n 
1 92 MET n 
1 93 VAL n 
1 94 GLY n 
1 95 LYS n 
1 96 VAL n 
1 97 THR n 
1 98 VAL n 
1 99 ASN n 
# 
_entity_src_gen.entity_id                          1 
_entity_src_gen.pdbx_src_id                        1 
_entity_src_gen.pdbx_alt_source_flag               sample 
_entity_src_gen.pdbx_seq_type                      ? 
_entity_src_gen.pdbx_beg_seq_num                   ? 
_entity_src_gen.pdbx_end_seq_num                   ? 
_entity_src_gen.gene_src_common_name               spinach 
_entity_src_gen.gene_src_genus                     Spinacia 
_entity_src_gen.pdbx_gene_src_gene                 ? 
_entity_src_gen.gene_src_species                   ? 
_entity_src_gen.gene_src_strain                    ? 
_entity_src_gen.gene_src_tissue                    ? 
_entity_src_gen.gene_src_tissue_fraction           ? 
_entity_src_gen.gene_src_details                   ? 
_entity_src_gen.pdbx_gene_src_fragment             ? 
_entity_src_gen.pdbx_gene_src_scientific_name      'Spinacia oleracea' 
_entity_src_gen.pdbx_gene_src_ncbi_taxonomy_id     3562 
_entity_src_gen.pdbx_gene_src_variant              ? 
_entity_src_gen.pdbx_gene_src_cell_line            BL21 
_entity_src_gen.pdbx_gene_src_atcc                 ? 
_entity_src_gen.pdbx_gene_src_organ                ? 
_entity_src_gen.pdbx_gene_src_organelle            ? 
_entity_src_gen.pdbx_gene_src_cell                 ? 
_entity_src_gen.pdbx_gene_src_cellular_location    THYLAKOID 
_entity_src_gen.host_org_common_name               ? 
_entity_src_gen.pdbx_host_org_scientific_name      'Escherichia coli BL21(DE3)' 
_entity_src_gen.pdbx_host_org_ncbi_taxonomy_id     469008 
_entity_src_gen.host_org_genus                     Escherichia 
_entity_src_gen.pdbx_host_org_gene                 ? 
_entity_src_gen.pdbx_host_org_organ                ? 
_entity_src_gen.host_org_species                   'Escherichia coli' 
_entity_src_gen.pdbx_host_org_tissue               ? 
_entity_src_gen.pdbx_host_org_tissue_fraction      ? 
_entity_src_gen.pdbx_host_org_strain               'BL21 (DE3)' 
_entity_src_gen.pdbx_host_org_variant              ? 
_entity_src_gen.pdbx_host_org_cell_line            ? 
_entity_src_gen.pdbx_host_org_atcc                 ? 
_entity_src_gen.pdbx_host_org_culture_collection   ? 
_entity_src_gen.pdbx_host_org_cell                 ? 
_entity_src_gen.pdbx_host_org_organelle            ? 
_entity_src_gen.pdbx_host_org_cellular_location    ? 
_entity_src_gen.pdbx_host_org_vector_type          ? 
_entity_src_gen.pdbx_host_org_vector               ? 
_entity_src_gen.host_org_details                   ? 
_entity_src_gen.expression_system_id               ? 
_entity_src_gen.plasmid_name                       BL21 
_entity_src_gen.plasmid_details                    ? 
_entity_src_gen.pdbx_description                   ? 
# 
loop_
_chem_comp.id 
_chem_comp.type 
_chem_comp.mon_nstd_flag 
_chem_comp.name 
_chem_comp.pdbx_synonyms 
_chem_comp.formula 
_chem_comp.formula_weight 
ALA 'L-peptide linking' y ALANINE           ? 'C3 H7 N O2'     89.093  
ASN 'L-peptide linking' y ASPARAGINE        ? 'C4 H8 N2 O3'    132.118 
ASP 'L-peptide linking' y 'ASPARTIC ACID'   ? 'C4 H7 N O4'     133.103 
CU  non-polymer         . 'COPPER (II) ION' ? 'Cu 2'           63.546  
CYS 'L-peptide linking' y CYSTEINE          ? 'C3 H7 N O2 S'   121.158 
GLN 'L-peptide linking' y GLUTAMINE         ? 'C5 H10 N2 O3'   146.144 
GLU 'L-peptide linking' y 'GLUTAMIC ACID'   ? 'C5 H9 N O4'     147.129 
GLY 'peptide linking'   y GLYCINE           ? 'C2 H5 N O2'     75.067  
HIS 'L-peptide linking' y HISTIDINE         ? 'C6 H10 N3 O2 1' 156.162 
HOH non-polymer         . WATER             ? 'H2 O'           18.015  
ILE 'L-peptide linking' y ISOLEUCINE        ? 'C6 H13 N O2'    131.173 
LEU 'L-peptide linking' y LEUCINE           ? 'C6 H13 N O2'    131.173 
LYS 'L-peptide linking' y LYSINE            ? 'C6 H15 N2 O2 1' 147.195 
MET 'L-peptide linking' y METHIONINE        ? 'C5 H11 N O2 S'  149.211 
PHE 'L-peptide linking' y PHENYLALANINE     ? 'C9 H11 N O2'    165.189 
PRO 'L-peptide linking' y PROLINE           ? 'C5 H9 N O2'     115.130 
SER 'L-peptide linking' y SERINE            ? 'C3 H7 N O3'     105.093 
THR 'L-peptide linking' y THREONINE         ? 'C4 H9 N O3'     119.119 
TYR 'L-peptide linking' y TYROSINE          ? 'C9 H11 N O3'    181.189 
VAL 'L-peptide linking' y VALINE            ? 'C5 H11 N O2'    117.146 
# 
loop_
_pdbx_poly_seq_scheme.asym_id 
_pdbx_poly_seq_scheme.entity_id 
_pdbx_poly_seq_scheme.seq_id 
_pdbx_poly_seq_scheme.mon_id 
_pdbx_poly_seq_scheme.ndb_seq_num 
_pdbx_poly_seq_scheme.pdb_seq_num 
_pdbx_poly_seq_scheme.auth_seq_num 
_pdbx_poly_seq_scheme.pdb_mon_id 
_pdbx_poly_seq_scheme.auth_mon_id 
_pdbx_poly_seq_scheme.pdb_strand_id 
_pdbx_poly_seq_scheme.pdb_ins_code 
_pdbx_poly_seq_scheme.hetero 
A 1 1  VAL 1  1  1  VAL VAL A . n 
A 1 2  GLU 2  2  2  GLU GLU A . n 
A 1 3  VAL 3  3  3  VAL VAL A . n 
A 1 4  LEU 4  4  4  LEU LEU A . n 
A 1 5  LEU 5  5  5  LEU LEU A . n 
A 1 6  GLY 6  6  6  GLY GLY A . n 
A 1 7  GLY 7  7  7  GLY GLY A . n 
A 1 8  ASP 8  8  8  ASP ASP A . n 
A 1 9  ASP 9  9  9  ASP ASP A . n 
A 1 10 GLY 10 10 10 GLY GLY A . n 
A 1 11 SER 11 11 11 SER SER A . n 
A 1 12 LEU 12 12 12 LEU LEU A . n 
A 1 13 ALA 13 13 13 ALA ALA A . n 
A 1 14 PHE 14 14 14 PHE PHE A . n 
A 1 15 LEU 15 15 15 LEU LEU A . n 
A 1 16 PRO 16 16 16 PRO PRO A . n 
A 1 17 GLY 17 17 17 GLY GLY A . n 
A 1 18 ASP 18 18 18 ASP ASP A . n 
A 1 19 PHE 19 19 19 PHE PHE A . n 
A 1 20 SER 20 20 20 SER SER A . n 
A 1 21 VAL 21 21 21 VAL VAL A . n 
A 1 22 ALA 22 22 22 ALA ALA A . n 
A 1 23 SER 23 23 23 SER SER A . n 
A 1 24 GLY 24 24 24 GLY GLY A . n 
A 1 25 GLU 25 25 25 GLU GLU A . n 
A 1 26 GLU 26 26 26 GLU GLU A . n 
A 1 27 ILE 27 27 27 ILE ILE A . n 
A 1 28 VAL 28 28 28 VAL VAL A . n 
A 1 29 PHE 29 29 29 PHE PHE A . n 
A 1 30 LYS 30 30 30 LYS LYS A . n 
A 1 31 ASN 31 31 31 ASN ASN A . n 
A 1 32 ASN 32 32 32 ASN ASN A . n 
A 1 33 ALA 33 33 33 ALA ALA A . n 
A 1 34 GLY 34 34 34 GLY GLY A . n 
A 1 35 PHE 35 35 35 PHE PHE A . n 
A 1 36 PRO 36 36 36 PRO PRO A . n 
A 1 37 HIS 37 37 37 HIS HIS A . n 
A 1 38 ASN 38 38 38 ASN ASN A . n 
A 1 39 VAL 39 39 39 VAL VAL A . n 
A 1 40 VAL 40 40 40 VAL VAL A . n 
A 1 41 PHE 41 41 41 PHE PHE A . n 
A 1 42 ASP 42 42 42 ASP ASP A . n 
A 1 43 GLU 43 43 43 GLU GLU A . n 
A 1 44 ASP 44 44 44 ASP ASP A . n 
A 1 45 GLU 45 45 45 GLU GLU A . n 
A 1 46 ILE 46 46 46 ILE ILE A . n 
A 1 47 PRO 47 47 47 PRO PRO A . n 
A 1 48 SER 48 48 48 SER SER A . n 
A 1 49 GLY 49 49 49 GLY GLY A . n 
A 1 50 VAL 50 50 50 VAL VAL A . n 
A 1 51 ASP 51 51 51 ASP ASP A . n 
A 1 52 ALA 52 52 52 ALA ALA A . n 
A 1 53 ALA 53 53 53 ALA ALA A . n 
A 1 54 LYS 54 54 54 LYS LYS A . n 
A 1 55 ILE 55 55 55 ILE ILE A . n 
A 1 56 SER 56 56 56 SER SER A . n 
A 1 57 MET 57 57 57 MET MET A . n 
A 1 58 SER 58 58 58 SER SER A . n 
A 1 59 GLU 59 59 59 GLU GLU A . n 
A 1 60 GLU 60 60 60 GLU GLU A . n 
A 1 61 ASP 61 61 61 ASP ASP A . n 
A 1 62 LEU 62 62 62 LEU LEU A . n 
A 1 63 LEU 63 63 63 LEU LEU A . n 
A 1 64 ASN 64 64 64 ASN ASN A . n 
A 1 65 ALA 65 65 65 ALA ALA A . n 
A 1 66 PRO 66 66 66 PRO PRO A . n 
A 1 67 GLY 67 67 67 GLY GLY A . n 
A 1 68 GLU 68 68 68 GLU GLU A . n 
A 1 69 THR 69 69 69 THR THR A . n 
A 1 70 TYR 70 70 70 TYR TYR A . n 
A 1 71 LYS 71 71 71 LYS LYS A . n 
A 1 72 VAL 72 72 72 VAL VAL A . n 
A 1 73 THR 73 73 73 THR THR A . n 
A 1 74 LEU 74 74 74 LEU LEU A . n 
A 1 75 THR 75 75 75 THR THR A . n 
A 1 76 GLU 76 76 76 GLU GLU A . n 
A 1 77 LYS 77 77 77 LYS LYS A . n 
A 1 78 GLY 78 78 78 GLY GLY A . n 
A 1 79 THR 79 79 79 THR THR A . n 
A 1 80 TYR 80 80 80 TYR TYR A . n 
A 1 81 LYS 81 81 81 LYS LYS A . n 
A 1 82 PHE 82 82 82 PHE PHE A . n 
A 1 83 TYR 83 83 83 TYR TYR A . n 
A 1 84 CYS 84 84 84 CYS CYS A . n 
A 1 85 SER 85 85 85 SER SER A . n 
A 1 86 PRO 86 86 86 PRO PRO A . n 
A 1 87 HIS 87 87 87 HIS HIS A . n 
A 1 88 GLN 88 88 88 GLN GLN A . n 
A 1 89 GLY 89 89 89 GLY GLY A . n 
A 1 90 ALA 90 90 90 ALA ALA A . n 
A 1 91 GLY 91 91 91 GLY GLY A . n 
A 1 92 MET 92 92 92 MET MET A . n 
A 1 93 VAL 93 93 93 VAL VAL A . n 
A 1 94 GLY 94 94 94 GLY GLY A . n 
A 1 95 LYS 95 95 95 LYS LYS A . n 
A 1 96 VAL 96 96 96 VAL VAL A . n 
A 1 97 THR 97 97 97 THR THR A . n 
A 1 98 VAL 98 98 98 VAL VAL A . n 
A 1 99 ASN 99 99 99 ASN ASN A . n 
# 
loop_
_pdbx_nonpoly_scheme.asym_id 
_pdbx_nonpoly_scheme.entity_id 
_pdbx_nonpoly_scheme.mon_id 
_pdbx_nonpoly_scheme.ndb_seq_num 
_pdbx_nonpoly_scheme.pdb_seq_num 
_pdbx_nonpoly_scheme.auth_seq_num 
_pdbx_nonpoly_scheme.pdb_mon_id 
_pdbx_nonpoly_scheme.auth_mon_id 
_pdbx_nonpoly_scheme.pdb_strand_id 
_pdbx_nonpoly_scheme.pdb_ins_code 
B 2 CU  1  200 200 CU  CU  A . 
C 3 HOH 1  201 201 HOH HOH A . 
C 3 HOH 2  202 202 HOH HOH A . 
C 3 HOH 3  203 203 HOH HOH A . 
C 3 HOH 4  204 204 HOH HOH A . 
C 3 HOH 5  205 205 HOH HOH A . 
C 3 HOH 6  206 206 HOH HOH A . 
C 3 HOH 7  207 207 HOH HOH A . 
C 3 HOH 8  208 208 HOH HOH A . 
C 3 HOH 9  209 209 HOH HOH A . 
C 3 HOH 10 210 210 HOH HOH A . 
C 3 HOH 11 211 211 HOH HOH A . 
C 3 HOH 12 212 212 HOH HOH A . 
C 3 HOH 13 213 213 HOH HOH A . 
C 3 HOH 14 214 214 HOH HOH A . 
C 3 HOH 15 215 215 HOH HOH A . 
C 3 HOH 16 216 216 HOH HOH A . 
C 3 HOH 17 217 217 HOH HOH A . 
C 3 HOH 18 218 218 HOH HOH A . 
C 3 HOH 19 219 219 HOH HOH A . 
C 3 HOH 20 220 220 HOH HOH A . 
C 3 HOH 21 221 221 HOH HOH A . 
C 3 HOH 22 222 222 HOH HOH A . 
C 3 HOH 23 223 223 HOH HOH A . 
C 3 HOH 24 225 225 HOH HOH A . 
C 3 HOH 25 226 226 HOH HOH A . 
C 3 HOH 26 227 227 HOH HOH A . 
C 3 HOH 27 228 228 HOH HOH A . 
C 3 HOH 28 229 229 HOH HOH A . 
C 3 HOH 29 230 230 HOH HOH A . 
C 3 HOH 30 231 231 HOH HOH A . 
C 3 HOH 31 232 232 HOH HOH A . 
C 3 HOH 32 233 233 HOH HOH A . 
C 3 HOH 33 234 234 HOH HOH A . 
C 3 HOH 34 235 235 HOH HOH A . 
C 3 HOH 35 236 236 HOH HOH A . 
C 3 HOH 36 237 237 HOH HOH A . 
C 3 HOH 37 238 238 HOH HOH A . 
C 3 HOH 38 239 239 HOH HOH A . 
C 3 HOH 39 240 240 HOH HOH A . 
C 3 HOH 40 241 241 HOH HOH A . 
C 3 HOH 41 242 242 HOH HOH A . 
C 3 HOH 42 243 243 HOH HOH A . 
C 3 HOH 43 244 244 HOH HOH A . 
C 3 HOH 44 245 245 HOH HOH A . 
C 3 HOH 45 246 246 HOH HOH A . 
C 3 HOH 46 247 247 HOH HOH A . 
C 3 HOH 47 248 248 HOH HOH A . 
C 3 HOH 48 249 249 HOH HOH A . 
C 3 HOH 49 250 250 HOH HOH A . 
C 3 HOH 50 251 251 HOH HOH A . 
C 3 HOH 51 252 252 HOH HOH A . 
C 3 HOH 52 253 253 HOH HOH A . 
C 3 HOH 53 254 254 HOH HOH A . 
C 3 HOH 54 255 255 HOH HOH A . 
C 3 HOH 55 256 256 HOH HOH A . 
C 3 HOH 56 257 257 HOH HOH A . 
C 3 HOH 57 258 258 HOH HOH A . 
C 3 HOH 58 259 259 HOH HOH A . 
C 3 HOH 59 260 260 HOH HOH A . 
C 3 HOH 60 261 261 HOH HOH A . 
C 3 HOH 61 262 262 HOH HOH A . 
C 3 HOH 62 263 263 HOH HOH A . 
C 3 HOH 63 264 264 HOH HOH A . 
C 3 HOH 64 265 265 HOH HOH A . 
# 
loop_
_software.name 
_software.classification 
_software.version 
_software.citation_id 
_software.pdbx_ordinal 
AMoRE     phasing          . ? 1 
REFMAC    refinement       . ? 2 
DENZO     'data reduction' . ? 3 
SCALEPACK 'data scaling'   . ? 4 
# 
_cell.entry_id           1AG6 
_cell.length_a           75.582 
_cell.length_b           75.582 
_cell.length_c           32.707 
_cell.angle_alpha        90.00 
_cell.angle_beta         90.00 
_cell.angle_gamma        120.00 
_cell.Z_PDB              6 
_cell.pdbx_unique_axis   ? 
# 
_symmetry.entry_id                         1AG6 
_symmetry.space_group_name_H-M             'P 31 2 1' 
_symmetry.pdbx_full_space_group_name_H-M   ? 
_symmetry.cell_setting                     ? 
_symmetry.Int_Tables_number                152 
# 
_exptl.entry_id          1AG6 
_exptl.method            'X-RAY DIFFRACTION' 
_exptl.crystals_number   1 
# 
_exptl_crystal.id                    1 
_exptl_crystal.density_meas          ? 
_exptl_crystal.density_Matthews      2.57 
_exptl_crystal.density_percent_sol   52.19 
_exptl_crystal.description           ? 
# 
_exptl_crystal_grow.crystal_id      1 
_exptl_crystal_grow.method          ? 
_exptl_crystal_grow.temp            ? 
_exptl_crystal_grow.temp_details    ? 
_exptl_crystal_grow.pH              4.4 
_exptl_crystal_grow.pdbx_pH_range   ? 
_exptl_crystal_grow.pdbx_details    'pH 4.4' 
# 
_diffrn.id                     1 
_diffrn.ambient_temp           297 
_diffrn.ambient_temp_details   ? 
_diffrn.crystal_id             1 
# 
_diffrn_detector.diffrn_id              1 
_diffrn_detector.detector               'IMAGE PLATE' 
_diffrn_detector.type                   'RIGAKU RAXIS II' 
_diffrn_detector.pdbx_collection_date   1996-07 
_diffrn_detector.details                COLLIMATOR 
# 
_diffrn_radiation.diffrn_id                        1 
_diffrn_radiation.wavelength_id                    1 
_diffrn_radiation.pdbx_monochromatic_or_laue_m_l   M 
_diffrn_radiation.monochromator                    'GRAPHITE(002)' 
_diffrn_radiation.pdbx_diffrn_protocol             ? 
_diffrn_radiation.pdbx_scattering_type             x-ray 
# 
_diffrn_radiation_wavelength.id           1 
_diffrn_radiation_wavelength.wavelength   1.5418 
_diffrn_radiation_wavelength.wt           1.0 
# 
_diffrn_source.diffrn_id                   1 
_diffrn_source.source                      'ROTATING ANODE' 
_diffrn_source.type                        'RIGAKU RUH2R' 
_diffrn_source.pdbx_synchrotron_site       ? 
_diffrn_source.pdbx_synchrotron_beamline   ? 
_diffrn_source.pdbx_wavelength             1.5418 
_diffrn_source.pdbx_wavelength_list        ? 
# 
_reflns.entry_id                     1AG6 
_reflns.observed_criterion_sigma_I   -3 
_reflns.observed_criterion_sigma_F   ? 
_reflns.d_resolution_low             30.0 
_reflns.d_resolution_high            1.7 
_reflns.number_obs                   12009 
_reflns.number_all                   ? 
_reflns.percent_possible_obs         99.8 
_reflns.pdbx_Rmerge_I_obs            0.0590000 
_reflns.pdbx_Rsym_value              ? 
_reflns.pdbx_netI_over_sigmaI        9.5 
_reflns.B_iso_Wilson_estimate        23.2 
_reflns.pdbx_redundancy              9.4 
_reflns.pdbx_diffrn_id               1 
_reflns.pdbx_ordinal                 1 
# 
_reflns_shell.d_res_high             1.70 
_reflns_shell.d_res_low              1.76 
_reflns_shell.percent_possible_all   98.0 
_reflns_shell.Rmerge_I_obs           0.6300000 
_reflns_shell.pdbx_Rsym_value        ? 
_reflns_shell.meanI_over_sigI_obs    2.2 
_reflns_shell.pdbx_redundancy        4 
_reflns_shell.pdbx_diffrn_id         ? 
_reflns_shell.pdbx_ordinal           1 
# 
_refine.entry_id                                 1AG6 
_refine.ls_number_reflns_obs                     12972 
_refine.ls_number_reflns_all                     ? 
_refine.pdbx_ls_sigma_I                          ? 
_refine.pdbx_ls_sigma_F                          ? 
_refine.pdbx_data_cutoff_high_absF               ? 
_refine.pdbx_data_cutoff_low_absF                ? 
_refine.pdbx_data_cutoff_high_rms_absF           ? 
_refine.ls_d_res_low                             30 
_refine.ls_d_res_high                            1.6 
_refine.ls_percent_reflns_obs                    ? 
_refine.ls_R_factor_obs                          ? 
_refine.ls_R_factor_all                          ? 
_refine.ls_R_factor_R_work                       0.1910000 
_refine.ls_R_factor_R_free                       0.2240000 
_refine.ls_R_factor_R_free_error                 ? 
_refine.ls_R_factor_R_free_error_details         ? 
_refine.ls_percent_reflns_R_free                 10 
_refine.ls_number_reflns_R_free                  ? 
_refine.ls_number_parameters                     ? 
_refine.ls_number_restraints                     ? 
_refine.occupancy_min                            ? 
_refine.occupancy_max                            ? 
_refine.B_iso_mean                               23.5 
_refine.aniso_B[1][1]                            ? 
_refine.aniso_B[2][2]                            ? 
_refine.aniso_B[3][3]                            ? 
_refine.aniso_B[1][2]                            ? 
_refine.aniso_B[1][3]                            ? 
_refine.aniso_B[2][3]                            ? 
_refine.solvent_model_details                    ? 
_refine.solvent_model_param_ksol                 ? 
_refine.solvent_model_param_bsol                 ? 
_refine.pdbx_ls_cross_valid_method               THROUGHOUT 
_refine.details                                  'X-PLOR (BRUNGER) ALSO WAS USED.' 
_refine.pdbx_starting_model                      'PDB ENTRY 1PLC' 
_refine.pdbx_method_to_determine_struct          'MOLECULAR REPLACEMENT' 
_refine.pdbx_isotropic_thermal_model             ? 
_refine.pdbx_stereochemistry_target_values       ? 
_refine.pdbx_stereochem_target_val_spec_case     ? 
_refine.pdbx_R_Free_selection_details            ? 
_refine.pdbx_overall_ESU_R                       ? 
_refine.pdbx_overall_ESU_R_Free                  ? 
_refine.overall_SU_ML                            ? 
_refine.overall_SU_B                             ? 
_refine.pdbx_refine_id                           'X-RAY DIFFRACTION' 
_refine.pdbx_diffrn_id                           1 
_refine.pdbx_TLS_residual_ADP_flag               ? 
_refine.correlation_coeff_Fo_to_Fc               ? 
_refine.correlation_coeff_Fo_to_Fc_free          ? 
_refine.pdbx_solvent_vdw_probe_radii             ? 
_refine.pdbx_solvent_ion_probe_radii             ? 
_refine.pdbx_solvent_shrinkage_radii             ? 
_refine.pdbx_overall_phase_error                 ? 
_refine.overall_SU_R_Cruickshank_DPI             ? 
_refine.pdbx_overall_SU_R_free_Cruickshank_DPI   ? 
_refine.pdbx_overall_SU_R_Blow_DPI               ? 
_refine.pdbx_overall_SU_R_free_Blow_DPI          ? 
# 
_refine_analyze.entry_id                        1AG6 
_refine_analyze.Luzzati_coordinate_error_obs    0.23 
_refine_analyze.Luzzati_sigma_a_obs             0.24 
_refine_analyze.Luzzati_d_res_low_obs           5 
_refine_analyze.Luzzati_coordinate_error_free   ? 
_refine_analyze.Luzzati_sigma_a_free            ? 
_refine_analyze.Luzzati_d_res_low_free          ? 
_refine_analyze.number_disordered_residues      ? 
_refine_analyze.occupancy_sum_hydrogen          ? 
_refine_analyze.occupancy_sum_non_hydrogen      ? 
_refine_analyze.pdbx_refine_id                  'X-RAY DIFFRACTION' 
# 
_refine_hist.pdbx_refine_id                   'X-RAY DIFFRACTION' 
_refine_hist.cycle_id                         LAST 
_refine_hist.pdbx_number_atoms_protein        737 
_refine_hist.pdbx_number_atoms_nucleic_acid   0 
_refine_hist.pdbx_number_atoms_ligand         1 
_refine_hist.number_atoms_solvent             77 
_refine_hist.number_atoms_total               815 
_refine_hist.d_res_high                       1.6 
_refine_hist.d_res_low                        30 
# 
loop_
_refine_ls_restr.type 
_refine_ls_restr.dev_ideal 
_refine_ls_restr.dev_ideal_target 
_refine_ls_restr.weight 
_refine_ls_restr.number 
_refine_ls_restr.pdbx_refine_id 
_refine_ls_restr.pdbx_restraint_function 
p_bond_d            0.026 0.020 ? ? 'X-RAY DIFFRACTION' ? 
p_angle_d           0.044 0.040 ? ? 'X-RAY DIFFRACTION' ? 
p_angle_deg         ?     ?     ? ? 'X-RAY DIFFRACTION' ? 
p_planar_d          0.048 0.050 ? ? 'X-RAY DIFFRACTION' ? 
p_hb_or_metal_coord ?     ?     ? ? 'X-RAY DIFFRACTION' ? 
p_mcbond_it         1.869 2.000 ? ? 'X-RAY DIFFRACTION' ? 
p_mcangle_it        2.657 3.000 ? ? 'X-RAY DIFFRACTION' ? 
p_scbond_it         2.364 2.000 ? ? 'X-RAY DIFFRACTION' ? 
p_scangle_it        3.629 3.000 ? ? 'X-RAY DIFFRACTION' ? 
p_plane_restr       ?     ?     ? ? 'X-RAY DIFFRACTION' ? 
p_chiral_restr      ?     ?     ? ? 'X-RAY DIFFRACTION' ? 
p_singtor_nbd       ?     ?     ? ? 'X-RAY DIFFRACTION' ? 
p_multtor_nbd       ?     ?     ? ? 'X-RAY DIFFRACTION' ? 
p_xhyhbond_nbd      ?     ?     ? ? 'X-RAY DIFFRACTION' ? 
p_xyhbond_nbd       ?     ?     ? ? 'X-RAY DIFFRACTION' ? 
p_planar_tor        ?     ?     ? ? 'X-RAY DIFFRACTION' ? 
p_staggered_tor     ?     ?     ? ? 'X-RAY DIFFRACTION' ? 
p_orthonormal_tor   ?     ?     ? ? 'X-RAY DIFFRACTION' ? 
p_transverse_tor    ?     ?     ? ? 'X-RAY DIFFRACTION' ? 
p_special_tor       ?     ?     ? ? 'X-RAY DIFFRACTION' ? 
# 
_struct.entry_id                  1AG6 
_struct.title                     'PLASTOCYANIN FROM SPINACH' 
_struct.pdbx_model_details        ? 
_struct.pdbx_CASP_flag            ? 
_struct.pdbx_model_type_details   ? 
# 
_struct_keywords.entry_id        1AG6 
_struct_keywords.pdbx_keywords   'ELECTRON TRANSPORT' 
_struct_keywords.text            'BLUE-COPPER PROTEIN, ELECTRON TRANSFER, ELECTRON TRANSPORT' 
# 
loop_
_struct_asym.id 
_struct_asym.pdbx_blank_PDB_chainid_flag 
_struct_asym.pdbx_modified 
_struct_asym.entity_id 
_struct_asym.details 
A N N 1 ? 
B N N 2 ? 
C N N 3 ? 
# 
_struct_ref.id                         1 
_struct_ref.db_name                    UNP 
_struct_ref.db_code                    PLAS_SPIOL 
_struct_ref.entity_id                  1 
_struct_ref.pdbx_db_accession          P00289 
_struct_ref.pdbx_align_begin           1 
_struct_ref.pdbx_seq_one_letter_code   
;MATVASSAAVAVPSFTGLKASGSIKPTTAKIIPTTTAVPRLSVKASLKNVGAAVVATAAAGLLAGNAMAVEVLLGGGDGS
LAFLPGDFSVASGEEIVFKNNAGFPHNVVFDEDEIPSGVDAAKISMSEEDLLNAPGETYKVTLTEKGTYKFYCSPHQGAG
MVGKVTVN
;
_struct_ref.pdbx_db_isoform            ? 
# 
_struct_ref_seq.align_id                      1 
_struct_ref_seq.ref_id                        1 
_struct_ref_seq.pdbx_PDB_id_code              1AG6 
_struct_ref_seq.pdbx_strand_id                A 
_struct_ref_seq.seq_align_beg                 1 
_struct_ref_seq.pdbx_seq_align_beg_ins_code   ? 
_struct_ref_seq.seq_align_end                 99 
_struct_ref_seq.pdbx_seq_align_end_ins_code   ? 
_struct_ref_seq.pdbx_db_accession             P00289 
_struct_ref_seq.db_align_beg                  70 
_struct_ref_seq.pdbx_db_align_beg_ins_code    ? 
_struct_ref_seq.db_align_end                  168 
_struct_ref_seq.pdbx_db_align_end_ins_code    ? 
_struct_ref_seq.pdbx_auth_seq_align_beg       1 
_struct_ref_seq.pdbx_auth_seq_align_end       99 
# 
_struct_ref_seq_dif.align_id                     1 
_struct_ref_seq_dif.pdbx_pdb_id_code             1AG6 
_struct_ref_seq_dif.mon_id                       ASP 
_struct_ref_seq_dif.pdbx_pdb_strand_id           A 
_struct_ref_seq_dif.seq_num                      8 
_struct_ref_seq_dif.pdbx_pdb_ins_code            ? 
_struct_ref_seq_dif.pdbx_seq_db_name             UNP 
_struct_ref_seq_dif.pdbx_seq_db_accession_code   P00289 
_struct_ref_seq_dif.db_mon_id                    GLY 
_struct_ref_seq_dif.pdbx_seq_db_seq_num          77 
_struct_ref_seq_dif.details                      'engineered mutation' 
_struct_ref_seq_dif.pdbx_auth_seq_num            8 
_struct_ref_seq_dif.pdbx_ordinal                 1 
# 
_pdbx_struct_assembly.id                   1 
_pdbx_struct_assembly.details              author_defined_assembly 
_pdbx_struct_assembly.method_details       ? 
_pdbx_struct_assembly.oligomeric_details   monomeric 
_pdbx_struct_assembly.oligomeric_count     1 
# 
_pdbx_struct_assembly_gen.assembly_id       1 
_pdbx_struct_assembly_gen.oper_expression   1 
_pdbx_struct_assembly_gen.asym_id_list      A,B,C 
# 
_pdbx_struct_oper_list.id                   1 
_pdbx_struct_oper_list.type                 'identity operation' 
_pdbx_struct_oper_list.name                 1_555 
_pdbx_struct_oper_list.symmetry_operation   x,y,z 
_pdbx_struct_oper_list.matrix[1][1]         1.0000000000 
_pdbx_struct_oper_list.matrix[1][2]         0.0000000000 
_pdbx_struct_oper_list.matrix[1][3]         0.0000000000 
_pdbx_struct_oper_list.vector[1]            0.0000000000 
_pdbx_struct_oper_list.matrix[2][1]         0.0000000000 
_pdbx_struct_oper_list.matrix[2][2]         1.0000000000 
_pdbx_struct_oper_list.matrix[2][3]         0.0000000000 
_pdbx_struct_oper_list.vector[2]            0.0000000000 
_pdbx_struct_oper_list.matrix[3][1]         0.0000000000 
_pdbx_struct_oper_list.matrix[3][2]         0.0000000000 
_pdbx_struct_oper_list.matrix[3][3]         1.0000000000 
_pdbx_struct_oper_list.vector[3]            0.0000000000 
# 
_struct_biol.id   1 
# 
loop_
_struct_conf.conf_type_id 
_struct_conf.id 
_struct_conf.pdbx_PDB_helix_id 
_struct_conf.beg_label_comp_id 
_struct_conf.beg_label_asym_id 
_struct_conf.beg_label_seq_id 
_struct_conf.pdbx_beg_PDB_ins_code 
_struct_conf.end_label_comp_id 
_struct_conf.end_label_asym_id 
_struct_conf.end_label_seq_id 
_struct_conf.pdbx_end_PDB_ins_code 
_struct_conf.beg_auth_comp_id 
_struct_conf.beg_auth_asym_id 
_struct_conf.beg_auth_seq_id 
_struct_conf.end_auth_comp_id 
_struct_conf.end_auth_asym_id 
_struct_conf.end_auth_seq_id 
_struct_conf.pdbx_PDB_helix_class 
_struct_conf.details 
_struct_conf.pdbx_PDB_helix_length 
HELX_P HELX_P1 1 GLU A 43 ? GLU A 45 ? GLU A 43 GLU A 45 5 ? 3 
HELX_P HELX_P2 2 ALA A 52 ? ILE A 55 ? ALA A 52 ILE A 55 1 ? 4 
HELX_P HELX_P3 3 SER A 85 ? HIS A 87 ? SER A 85 HIS A 87 5 ? 3 
# 
_struct_conf_type.id          HELX_P 
_struct_conf_type.criteria    ? 
_struct_conf_type.reference   ? 
# 
loop_
_struct_conn.id 
_struct_conn.conn_type_id 
_struct_conn.pdbx_leaving_atom_flag 
_struct_conn.pdbx_PDB_id 
_struct_conn.ptnr1_label_asym_id 
_struct_conn.ptnr1_label_comp_id 
_struct_conn.ptnr1_label_seq_id 
_struct_conn.ptnr1_label_atom_id 
_struct_conn.pdbx_ptnr1_label_alt_id 
_struct_conn.pdbx_ptnr1_PDB_ins_code 
_struct_conn.pdbx_ptnr1_standard_comp_id 
_struct_conn.ptnr1_symmetry 
_struct_conn.ptnr2_label_asym_id 
_struct_conn.ptnr2_label_comp_id 
_struct_conn.ptnr2_label_seq_id 
_struct_conn.ptnr2_label_atom_id 
_struct_conn.pdbx_ptnr2_label_alt_id 
_struct_conn.pdbx_ptnr2_PDB_ins_code 
_struct_conn.ptnr1_auth_asym_id 
_struct_conn.ptnr1_auth_comp_id 
_struct_conn.ptnr1_auth_seq_id 
_struct_conn.ptnr2_auth_asym_id 
_struct_conn.ptnr2_auth_comp_id 
_struct_conn.ptnr2_auth_seq_id 
_struct_conn.ptnr2_symmetry 
_struct_conn.pdbx_ptnr3_label_atom_id 
_struct_conn.pdbx_ptnr3_label_seq_id 
_struct_conn.pdbx_ptnr3_label_comp_id 
_struct_conn.pdbx_ptnr3_label_asym_id 
_struct_conn.pdbx_ptnr3_label_alt_id 
_struct_conn.pdbx_ptnr3_PDB_ins_code 
_struct_conn.details 
_struct_conn.pdbx_dist_value 
_struct_conn.pdbx_value_order 
_struct_conn.pdbx_role 
metalc1 metalc ? ? A HIS 37 ND1 ? ? ? 1_555 B CU . CU ? ? A HIS 37 A CU 200 1_555 ? ? ? ? ? ? ? 1.963 ? ? 
metalc2 metalc ? ? A CYS 84 SG  ? ? ? 1_555 B CU . CU ? ? A CYS 84 A CU 200 1_555 ? ? ? ? ? ? ? 2.149 ? ? 
metalc3 metalc ? ? A HIS 87 ND1 ? ? ? 1_555 B CU . CU ? ? A HIS 87 A CU 200 1_555 ? ? ? ? ? ? ? 2.010 ? ? 
# 
_struct_conn_type.id          metalc 
_struct_conn_type.criteria    ? 
_struct_conn_type.reference   ? 
# 
loop_
_pdbx_struct_conn_angle.id 
_pdbx_struct_conn_angle.ptnr1_label_atom_id 
_pdbx_struct_conn_angle.ptnr1_label_alt_id 
_pdbx_struct_conn_angle.ptnr1_label_asym_id 
_pdbx_struct_conn_angle.ptnr1_label_comp_id 
_pdbx_struct_conn_angle.ptnr1_label_seq_id 
_pdbx_struct_conn_angle.ptnr1_auth_atom_id 
_pdbx_struct_conn_angle.ptnr1_auth_asym_id 
_pdbx_struct_conn_angle.ptnr1_auth_comp_id 
_pdbx_struct_conn_angle.ptnr1_auth_seq_id 
_pdbx_struct_conn_angle.ptnr1_PDB_ins_code 
_pdbx_struct_conn_angle.ptnr1_symmetry 
_pdbx_struct_conn_angle.ptnr2_label_atom_id 
_pdbx_struct_conn_angle.ptnr2_label_alt_id 
_pdbx_struct_conn_angle.ptnr2_label_asym_id 
_pdbx_struct_conn_angle.ptnr2_label_comp_id 
_pdbx_struct_conn_angle.ptnr2_label_seq_id 
_pdbx_struct_conn_angle.ptnr2_auth_atom_id 
_pdbx_struct_conn_angle.ptnr2_auth_asym_id 
_pdbx_struct_conn_angle.ptnr2_auth_comp_id 
_pdbx_struct_conn_angle.ptnr2_auth_seq_id 
_pdbx_struct_conn_angle.ptnr2_PDB_ins_code 
_pdbx_struct_conn_angle.ptnr2_symmetry 
_pdbx_struct_conn_angle.ptnr3_label_atom_id 
_pdbx_struct_conn_angle.ptnr3_label_alt_id 
_pdbx_struct_conn_angle.ptnr3_label_asym_id 
_pdbx_struct_conn_angle.ptnr3_label_comp_id 
_pdbx_struct_conn_angle.ptnr3_label_seq_id 
_pdbx_struct_conn_angle.ptnr3_auth_atom_id 
_pdbx_struct_conn_angle.ptnr3_auth_asym_id 
_pdbx_struct_conn_angle.ptnr3_auth_comp_id 
_pdbx_struct_conn_angle.ptnr3_auth_seq_id 
_pdbx_struct_conn_angle.ptnr3_PDB_ins_code 
_pdbx_struct_conn_angle.ptnr3_symmetry 
_pdbx_struct_conn_angle.value 
_pdbx_struct_conn_angle.value_esd 
1 ND1 ? A HIS 37 ? A HIS 37 ? 1_555 CU ? B CU . ? A CU 200 ? 1_555 SG  ? A CYS 84 ? A CYS 84 ? 1_555 129.9 ? 
2 ND1 ? A HIS 37 ? A HIS 37 ? 1_555 CU ? B CU . ? A CU 200 ? 1_555 ND1 ? A HIS 87 ? A HIS 87 ? 1_555 103.0 ? 
3 SG  ? A CYS 84 ? A CYS 84 ? 1_555 CU ? B CU . ? A CU 200 ? 1_555 ND1 ? A HIS 87 ? A HIS 87 ? 1_555 120.1 ? 
# 
loop_
_struct_mon_prot_cis.pdbx_id 
_struct_mon_prot_cis.label_comp_id 
_struct_mon_prot_cis.label_seq_id 
_struct_mon_prot_cis.label_asym_id 
_struct_mon_prot_cis.label_alt_id 
_struct_mon_prot_cis.pdbx_PDB_ins_code 
_struct_mon_prot_cis.auth_comp_id 
_struct_mon_prot_cis.auth_seq_id 
_struct_mon_prot_cis.auth_asym_id 
_struct_mon_prot_cis.pdbx_label_comp_id_2 
_struct_mon_prot_cis.pdbx_label_seq_id_2 
_struct_mon_prot_cis.pdbx_label_asym_id_2 
_struct_mon_prot_cis.pdbx_PDB_ins_code_2 
_struct_mon_prot_cis.pdbx_auth_comp_id_2 
_struct_mon_prot_cis.pdbx_auth_seq_id_2 
_struct_mon_prot_cis.pdbx_auth_asym_id_2 
_struct_mon_prot_cis.pdbx_PDB_model_num 
_struct_mon_prot_cis.pdbx_omega_angle 
1 LEU 15 A . ? LEU 15 A PRO 16 A ? PRO 16 A 1 -0.57 
2 PHE 35 A . ? PHE 35 A PRO 36 A ? PRO 36 A 1 4.57  
# 
loop_
_struct_sheet.id 
_struct_sheet.type 
_struct_sheet.number_strands 
_struct_sheet.details 
A ? 3 ? 
B ? 3 ? 
# 
loop_
_struct_sheet_order.sheet_id 
_struct_sheet_order.range_id_1 
_struct_sheet_order.range_id_2 
_struct_sheet_order.offset 
_struct_sheet_order.sense 
A 1 2 ? parallel      
A 2 3 ? anti-parallel 
B 1 2 ? parallel      
B 2 3 ? anti-parallel 
# 
loop_
_struct_sheet_range.sheet_id 
_struct_sheet_range.id 
_struct_sheet_range.beg_label_comp_id 
_struct_sheet_range.beg_label_asym_id 
_struct_sheet_range.beg_label_seq_id 
_struct_sheet_range.pdbx_beg_PDB_ins_code 
_struct_sheet_range.end_label_comp_id 
_struct_sheet_range.end_label_asym_id 
_struct_sheet_range.end_label_seq_id 
_struct_sheet_range.pdbx_end_PDB_ins_code 
_struct_sheet_range.beg_auth_comp_id 
_struct_sheet_range.beg_auth_asym_id 
_struct_sheet_range.beg_auth_seq_id 
_struct_sheet_range.end_auth_comp_id 
_struct_sheet_range.end_auth_asym_id 
_struct_sheet_range.end_auth_seq_id 
A 1 GLU A 2  ? LEU A 5  ? GLU A 2  LEU A 5  
A 2 GLU A 26 ? ASN A 31 ? GLU A 26 ASN A 31 
A 3 THR A 69 ? THR A 73 ? THR A 69 THR A 73 
B 1 ASP A 18 ? VAL A 21 ? ASP A 18 VAL A 21 
B 2 VAL A 93 ? VAL A 98 ? VAL A 93 VAL A 98 
B 3 GLY A 78 ? TYR A 83 ? GLY A 78 TYR A 83 
# 
loop_
_pdbx_struct_sheet_hbond.sheet_id 
_pdbx_struct_sheet_hbond.range_id_1 
_pdbx_struct_sheet_hbond.range_id_2 
_pdbx_struct_sheet_hbond.range_1_label_atom_id 
_pdbx_struct_sheet_hbond.range_1_label_comp_id 
_pdbx_struct_sheet_hbond.range_1_label_asym_id 
_pdbx_struct_sheet_hbond.range_1_label_seq_id 
_pdbx_struct_sheet_hbond.range_1_PDB_ins_code 
_pdbx_struct_sheet_hbond.range_1_auth_atom_id 
_pdbx_struct_sheet_hbond.range_1_auth_comp_id 
_pdbx_struct_sheet_hbond.range_1_auth_asym_id 
_pdbx_struct_sheet_hbond.range_1_auth_seq_id 
_pdbx_struct_sheet_hbond.range_2_label_atom_id 
_pdbx_struct_sheet_hbond.range_2_label_comp_id 
_pdbx_struct_sheet_hbond.range_2_label_asym_id 
_pdbx_struct_sheet_hbond.range_2_label_seq_id 
_pdbx_struct_sheet_hbond.range_2_PDB_ins_code 
_pdbx_struct_sheet_hbond.range_2_auth_atom_id 
_pdbx_struct_sheet_hbond.range_2_auth_comp_id 
_pdbx_struct_sheet_hbond.range_2_auth_asym_id 
_pdbx_struct_sheet_hbond.range_2_auth_seq_id 
A 1 2 O VAL A 3  ? O VAL A 3  N VAL A 28 ? N VAL A 28 
A 2 3 O ILE A 27 ? O ILE A 27 N VAL A 72 ? N VAL A 72 
B 1 2 O PHE A 19 ? O PHE A 19 N LYS A 95 ? N LYS A 95 
B 2 3 O GLY A 94 ? O GLY A 94 N PHE A 82 ? N PHE A 82 
# 
_struct_site.id                   AC1 
_struct_site.pdbx_evidence_code   Software 
_struct_site.pdbx_auth_asym_id    A 
_struct_site.pdbx_auth_comp_id    CU 
_struct_site.pdbx_auth_seq_id     200 
_struct_site.pdbx_auth_ins_code   ? 
_struct_site.pdbx_num_residues    5 
_struct_site.details              'BINDING SITE FOR RESIDUE CU A 200' 
# 
loop_
_struct_site_gen.id 
_struct_site_gen.site_id 
_struct_site_gen.pdbx_num_res 
_struct_site_gen.label_comp_id 
_struct_site_gen.label_asym_id 
_struct_site_gen.label_seq_id 
_struct_site_gen.pdbx_auth_ins_code 
_struct_site_gen.auth_comp_id 
_struct_site_gen.auth_asym_id 
_struct_site_gen.auth_seq_id 
_struct_site_gen.label_atom_id 
_struct_site_gen.label_alt_id 
_struct_site_gen.symmetry 
_struct_site_gen.details 
1 AC1 5 PRO A 36 ? PRO A 36 . ? 1_555 ? 
2 AC1 5 HIS A 37 ? HIS A 37 . ? 1_555 ? 
3 AC1 5 CYS A 84 ? CYS A 84 . ? 1_555 ? 
4 AC1 5 HIS A 87 ? HIS A 87 . ? 1_555 ? 
5 AC1 5 MET A 92 ? MET A 92 . ? 1_555 ? 
# 
_pdbx_validate_rmsd_angle.id                         1 
_pdbx_validate_rmsd_angle.PDB_model_num              1 
_pdbx_validate_rmsd_angle.auth_atom_id_1             OE1 
_pdbx_validate_rmsd_angle.auth_asym_id_1             A 
_pdbx_validate_rmsd_angle.auth_comp_id_1             GLU 
_pdbx_validate_rmsd_angle.auth_seq_id_1              26 
_pdbx_validate_rmsd_angle.PDB_ins_code_1             ? 
_pdbx_validate_rmsd_angle.label_alt_id_1             ? 
_pdbx_validate_rmsd_angle.auth_atom_id_2             CD 
_pdbx_validate_rmsd_angle.auth_asym_id_2             A 
_pdbx_validate_rmsd_angle.auth_comp_id_2             GLU 
_pdbx_validate_rmsd_angle.auth_seq_id_2              26 
_pdbx_validate_rmsd_angle.PDB_ins_code_2             ? 
_pdbx_validate_rmsd_angle.label_alt_id_2             ? 
_pdbx_validate_rmsd_angle.auth_atom_id_3             OE2 
_pdbx_validate_rmsd_angle.auth_asym_id_3             A 
_pdbx_validate_rmsd_angle.auth_comp_id_3             GLU 
_pdbx_validate_rmsd_angle.auth_seq_id_3              26 
_pdbx_validate_rmsd_angle.PDB_ins_code_3             ? 
_pdbx_validate_rmsd_angle.label_alt_id_3             ? 
_pdbx_validate_rmsd_angle.angle_value                131.27 
_pdbx_validate_rmsd_angle.angle_target_value         123.30 
_pdbx_validate_rmsd_angle.angle_deviation            7.97 
_pdbx_validate_rmsd_angle.angle_standard_deviation   1.20 
_pdbx_validate_rmsd_angle.linker_flag                N 
# 
_pdbx_validate_torsion.id              1 
_pdbx_validate_torsion.PDB_model_num   1 
_pdbx_validate_torsion.auth_comp_id    ASN 
_pdbx_validate_torsion.auth_asym_id    A 
_pdbx_validate_torsion.auth_seq_id     32 
_pdbx_validate_torsion.PDB_ins_code    ? 
_pdbx_validate_torsion.label_alt_id    ? 
_pdbx_validate_torsion.phi             -119.95 
_pdbx_validate_torsion.psi             -70.01 
# 
_pdbx_struct_special_symmetry.id              1 
_pdbx_struct_special_symmetry.PDB_model_num   1 
_pdbx_struct_special_symmetry.auth_asym_id    A 
_pdbx_struct_special_symmetry.auth_comp_id    HOH 
_pdbx_struct_special_symmetry.auth_seq_id     265 
_pdbx_struct_special_symmetry.PDB_ins_code    ? 
_pdbx_struct_special_symmetry.label_asym_id   C 
_pdbx_struct_special_symmetry.label_comp_id   HOH 
_pdbx_struct_special_symmetry.label_seq_id    . 
# 
loop_
_chem_comp_atom.comp_id 
_chem_comp_atom.atom_id 
_chem_comp_atom.type_symbol 
_chem_comp_atom.pdbx_aromatic_flag 
_chem_comp_atom.pdbx_stereo_config 
_chem_comp_atom.pdbx_ordinal 
ALA N    N  N N 1   
ALA CA   C  N S 2   
ALA C    C  N N 3   
ALA O    O  N N 4   
ALA CB   C  N N 5   
ALA OXT  O  N N 6   
ALA H    H  N N 7   
ALA H2   H  N N 8   
ALA HA   H  N N 9   
ALA HB1  H  N N 10  
ALA HB2  H  N N 11  
ALA HB3  H  N N 12  
ALA HXT  H  N N 13  
ASN N    N  N N 14  
ASN CA   C  N S 15  
ASN C    C  N N 16  
ASN O    O  N N 17  
ASN CB   C  N N 18  
ASN CG   C  N N 19  
ASN OD1  O  N N 20  
ASN ND2  N  N N 21  
ASN OXT  O  N N 22  
ASN H    H  N N 23  
ASN H2   H  N N 24  
ASN HA   H  N N 25  
ASN HB2  H  N N 26  
ASN HB3  H  N N 27  
ASN HD21 H  N N 28  
ASN HD22 H  N N 29  
ASN HXT  H  N N 30  
ASP N    N  N N 31  
ASP CA   C  N S 32  
ASP C    C  N N 33  
ASP O    O  N N 34  
ASP CB   C  N N 35  
ASP CG   C  N N 36  
ASP OD1  O  N N 37  
ASP OD2  O  N N 38  
ASP OXT  O  N N 39  
ASP H    H  N N 40  
ASP H2   H  N N 41  
ASP HA   H  N N 42  
ASP HB2  H  N N 43  
ASP HB3  H  N N 44  
ASP HD2  H  N N 45  
ASP HXT  H  N N 46  
CU  CU   CU N N 47  
CYS N    N  N N 48  
CYS CA   C  N R 49  
CYS C    C  N N 50  
CYS O    O  N N 51  
CYS CB   C  N N 52  
CYS SG   S  N N 53  
CYS OXT  O  N N 54  
CYS H    H  N N 55  
CYS H2   H  N N 56  
CYS HA   H  N N 57  
CYS HB2  H  N N 58  
CYS HB3  H  N N 59  
CYS HG   H  N N 60  
CYS HXT  H  N N 61  
GLN N    N  N N 62  
GLN CA   C  N S 63  
GLN C    C  N N 64  
GLN O    O  N N 65  
GLN CB   C  N N 66  
GLN CG   C  N N 67  
GLN CD   C  N N 68  
GLN OE1  O  N N 69  
GLN NE2  N  N N 70  
GLN OXT  O  N N 71  
GLN H    H  N N 72  
GLN H2   H  N N 73  
GLN HA   H  N N 74  
GLN HB2  H  N N 75  
GLN HB3  H  N N 76  
GLN HG2  H  N N 77  
GLN HG3  H  N N 78  
GLN HE21 H  N N 79  
GLN HE22 H  N N 80  
GLN HXT  H  N N 81  
GLU N    N  N N 82  
GLU CA   C  N S 83  
GLU C    C  N N 84  
GLU O    O  N N 85  
GLU CB   C  N N 86  
GLU CG   C  N N 87  
GLU CD   C  N N 88  
GLU OE1  O  N N 89  
GLU OE2  O  N N 90  
GLU OXT  O  N N 91  
GLU H    H  N N 92  
GLU H2   H  N N 93  
GLU HA   H  N N 94  
GLU HB2  H  N N 95  
GLU HB3  H  N N 96  
GLU HG2  H  N N 97  
GLU HG3  H  N N 98  
GLU HE2  H  N N 99  
GLU HXT  H  N N 100 
GLY N    N  N N 101 
GLY CA   C  N N 102 
GLY C    C  N N 103 
GLY O    O  N N 104 
GLY OXT  O  N N 105 
GLY H    H  N N 106 
GLY H2   H  N N 107 
GLY HA2  H  N N 108 
GLY HA3  H  N N 109 
GLY HXT  H  N N 110 
HIS N    N  N N 111 
HIS CA   C  N S 112 
HIS C    C  N N 113 
HIS O    O  N N 114 
HIS CB   C  N N 115 
HIS CG   C  Y N 116 
HIS ND1  N  Y N 117 
HIS CD2  C  Y N 118 
HIS CE1  C  Y N 119 
HIS NE2  N  Y N 120 
HIS OXT  O  N N 121 
HIS H    H  N N 122 
HIS H2   H  N N 123 
HIS HA   H  N N 124 
HIS HB2  H  N N 125 
HIS HB3  H  N N 126 
HIS HD1  H  N N 127 
HIS HD2  H  N N 128 
HIS HE1  H  N N 129 
HIS HE2  H  N N 130 
HIS HXT  H  N N 131 
HOH O    O  N N 132 
HOH H1   H  N N 133 
HOH H2   H  N N 134 
ILE N    N  N N 135 
ILE CA   C  N S 136 
ILE C    C  N N 137 
ILE O    O  N N 138 
ILE CB   C  N S 139 
ILE CG1  C  N N 140 
ILE CG2  C  N N 141 
ILE CD1  C  N N 142 
ILE OXT  O  N N 143 
ILE H    H  N N 144 
ILE H2   H  N N 145 
ILE HA   H  N N 146 
ILE HB   H  N N 147 
ILE HG12 H  N N 148 
ILE HG13 H  N N 149 
ILE HG21 H  N N 150 
ILE HG22 H  N N 151 
ILE HG23 H  N N 152 
ILE HD11 H  N N 153 
ILE HD12 H  N N 154 
ILE HD13 H  N N 155 
ILE HXT  H  N N 156 
LEU N    N  N N 157 
LEU CA   C  N S 158 
LEU C    C  N N 159 
LEU O    O  N N 160 
LEU CB   C  N N 161 
LEU CG   C  N N 162 
LEU CD1  C  N N 163 
LEU CD2  C  N N 164 
LEU OXT  O  N N 165 
LEU H    H  N N 166 
LEU H2   H  N N 167 
LEU HA   H  N N 168 
LEU HB2  H  N N 169 
LEU HB3  H  N N 170 
LEU HG   H  N N 171 
LEU HD11 H  N N 172 
LEU HD12 H  N N 173 
LEU HD13 H  N N 174 
LEU HD21 H  N N 175 
LEU HD22 H  N N 176 
LEU HD23 H  N N 177 
LEU HXT  H  N N 178 
LYS N    N  N N 179 
LYS CA   C  N S 180 
LYS C    C  N N 181 
LYS O    O  N N 182 
LYS CB   C  N N 183 
LYS CG   C  N N 184 
LYS CD   C  N N 185 
LYS CE   C  N N 186 
LYS NZ   N  N N 187 
LYS OXT  O  N N 188 
LYS H    H  N N 189 
LYS H2   H  N N 190 
LYS HA   H  N N 191 
LYS HB2  H  N N 192 
LYS HB3  H  N N 193 
LYS HG2  H  N N 194 
LYS HG3  H  N N 195 
LYS HD2  H  N N 196 
LYS HD3  H  N N 197 
LYS HE2  H  N N 198 
LYS HE3  H  N N 199 
LYS HZ1  H  N N 200 
LYS HZ2  H  N N 201 
LYS HZ3  H  N N 202 
LYS HXT  H  N N 203 
MET N    N  N N 204 
MET CA   C  N S 205 
MET C    C  N N 206 
MET O    O  N N 207 
MET CB   C  N N 208 
MET CG   C  N N 209 
MET SD   S  N N 210 
MET CE   C  N N 211 
MET OXT  O  N N 212 
MET H    H  N N 213 
MET H2   H  N N 214 
MET HA   H  N N 215 
MET HB2  H  N N 216 
MET HB3  H  N N 217 
MET HG2  H  N N 218 
MET HG3  H  N N 219 
MET HE1  H  N N 220 
MET HE2  H  N N 221 
MET HE3  H  N N 222 
MET HXT  H  N N 223 
PHE N    N  N N 224 
PHE CA   C  N S 225 
PHE C    C  N N 226 
PHE O    O  N N 227 
PHE CB   C  N N 228 
PHE CG   C  Y N 229 
PHE CD1  C  Y N 230 
PHE CD2  C  Y N 231 
PHE CE1  C  Y N 232 
PHE CE2  C  Y N 233 
PHE CZ   C  Y N 234 
PHE OXT  O  N N 235 
PHE H    H  N N 236 
PHE H2   H  N N 237 
PHE HA   H  N N 238 
PHE HB2  H  N N 239 
PHE HB3  H  N N 240 
PHE HD1  H  N N 241 
PHE HD2  H  N N 242 
PHE HE1  H  N N 243 
PHE HE2  H  N N 244 
PHE HZ   H  N N 245 
PHE HXT  H  N N 246 
PRO N    N  N N 247 
PRO CA   C  N S 248 
PRO C    C  N N 249 
PRO O    O  N N 250 
PRO CB   C  N N 251 
PRO CG   C  N N 252 
PRO CD   C  N N 253 
PRO OXT  O  N N 254 
PRO H    H  N N 255 
PRO HA   H  N N 256 
PRO HB2  H  N N 257 
PRO HB3  H  N N 258 
PRO HG2  H  N N 259 
PRO HG3  H  N N 260 
PRO HD2  H  N N 261 
PRO HD3  H  N N 262 
PRO HXT  H  N N 263 
SER N    N  N N 264 
SER CA   C  N S 265 
SER C    C  N N 266 
SER O    O  N N 267 
SER CB   C  N N 268 
SER OG   O  N N 269 
SER OXT  O  N N 270 
SER H    H  N N 271 
SER H2   H  N N 272 
SER HA   H  N N 273 
SER HB2  H  N N 274 
SER HB3  H  N N 275 
SER HG   H  N N 276 
SER HXT  H  N N 277 
THR N    N  N N 278 
THR CA   C  N S 279 
THR C    C  N N 280 
THR O    O  N N 281 
THR CB   C  N R 282 
THR OG1  O  N N 283 
THR CG2  C  N N 284 
THR OXT  O  N N 285 
THR H    H  N N 286 
THR H2   H  N N 287 
THR HA   H  N N 288 
THR HB   H  N N 289 
THR HG1  H  N N 290 
THR HG21 H  N N 291 
THR HG22 H  N N 292 
THR HG23 H  N N 293 
THR HXT  H  N N 294 
TYR N    N  N N 295 
TYR CA   C  N S 296 
TYR C    C  N N 297 
TYR O    O  N N 298 
TYR CB   C  N N 299 
TYR CG   C  Y N 300 
TYR CD1  C  Y N 301 
TYR CD2  C  Y N 302 
TYR CE1  C  Y N 303 
TYR CE2  C  Y N 304 
TYR CZ   C  Y N 305 
TYR OH   O  N N 306 
TYR OXT  O  N N 307 
TYR H    H  N N 308 
TYR H2   H  N N 309 
TYR HA   H  N N 310 
TYR HB2  H  N N 311 
TYR HB3  H  N N 312 
TYR HD1  H  N N 313 
TYR HD2  H  N N 314 
TYR HE1  H  N N 315 
TYR HE2  H  N N 316 
TYR HH   H  N N 317 
TYR HXT  H  N N 318 
VAL N    N  N N 319 
VAL CA   C  N S 320 
VAL C    C  N N 321 
VAL O    O  N N 322 
VAL CB   C  N N 323 
VAL CG1  C  N N 324 
VAL CG2  C  N N 325 
VAL OXT  O  N N 326 
VAL H    H  N N 327 
VAL H2   H  N N 328 
VAL HA   H  N N 329 
VAL HB   H  N N 330 
VAL HG11 H  N N 331 
VAL HG12 H  N N 332 
VAL HG13 H  N N 333 
VAL HG21 H  N N 334 
VAL HG22 H  N N 335 
VAL HG23 H  N N 336 
VAL HXT  H  N N 337 
# 
loop_
_chem_comp_bond.comp_id 
_chem_comp_bond.atom_id_1 
_chem_comp_bond.atom_id_2 
_chem_comp_bond.value_order 
_chem_comp_bond.pdbx_aromatic_flag 
_chem_comp_bond.pdbx_stereo_config 
_chem_comp_bond.pdbx_ordinal 
ALA N   CA   sing N N 1   
ALA N   H    sing N N 2   
ALA N   H2   sing N N 3   
ALA CA  C    sing N N 4   
ALA CA  CB   sing N N 5   
ALA CA  HA   sing N N 6   
ALA C   O    doub N N 7   
ALA C   OXT  sing N N 8   
ALA CB  HB1  sing N N 9   
ALA CB  HB2  sing N N 10  
ALA CB  HB3  sing N N 11  
ALA OXT HXT  sing N N 12  
ASN N   CA   sing N N 13  
ASN N   H    sing N N 14  
ASN N   H2   sing N N 15  
ASN CA  C    sing N N 16  
ASN CA  CB   sing N N 17  
ASN CA  HA   sing N N 18  
ASN C   O    doub N N 19  
ASN C   OXT  sing N N 20  
ASN CB  CG   sing N N 21  
ASN CB  HB2  sing N N 22  
ASN CB  HB3  sing N N 23  
ASN CG  OD1  doub N N 24  
ASN CG  ND2  sing N N 25  
ASN ND2 HD21 sing N N 26  
ASN ND2 HD22 sing N N 27  
ASN OXT HXT  sing N N 28  
ASP N   CA   sing N N 29  
ASP N   H    sing N N 30  
ASP N   H2   sing N N 31  
ASP CA  C    sing N N 32  
ASP CA  CB   sing N N 33  
ASP CA  HA   sing N N 34  
ASP C   O    doub N N 35  
ASP C   OXT  sing N N 36  
ASP CB  CG   sing N N 37  
ASP CB  HB2  sing N N 38  
ASP CB  HB3  sing N N 39  
ASP CG  OD1  doub N N 40  
ASP CG  OD2  sing N N 41  
ASP OD2 HD2  sing N N 42  
ASP OXT HXT  sing N N 43  
CYS N   CA   sing N N 44  
CYS N   H    sing N N 45  
CYS N   H2   sing N N 46  
CYS CA  C    sing N N 47  
CYS CA  CB   sing N N 48  
CYS CA  HA   sing N N 49  
CYS C   O    doub N N 50  
CYS C   OXT  sing N N 51  
CYS CB  SG   sing N N 52  
CYS CB  HB2  sing N N 53  
CYS CB  HB3  sing N N 54  
CYS SG  HG   sing N N 55  
CYS OXT HXT  sing N N 56  
GLN N   CA   sing N N 57  
GLN N   H    sing N N 58  
GLN N   H2   sing N N 59  
GLN CA  C    sing N N 60  
GLN CA  CB   sing N N 61  
GLN CA  HA   sing N N 62  
GLN C   O    doub N N 63  
GLN C   OXT  sing N N 64  
GLN CB  CG   sing N N 65  
GLN CB  HB2  sing N N 66  
GLN CB  HB3  sing N N 67  
GLN CG  CD   sing N N 68  
GLN CG  HG2  sing N N 69  
GLN CG  HG3  sing N N 70  
GLN CD  OE1  doub N N 71  
GLN CD  NE2  sing N N 72  
GLN NE2 HE21 sing N N 73  
GLN NE2 HE22 sing N N 74  
GLN OXT HXT  sing N N 75  
GLU N   CA   sing N N 76  
GLU N   H    sing N N 77  
GLU N   H2   sing N N 78  
GLU CA  C    sing N N 79  
GLU CA  CB   sing N N 80  
GLU CA  HA   sing N N 81  
GLU C   O    doub N N 82  
GLU C   OXT  sing N N 83  
GLU CB  CG   sing N N 84  
GLU CB  HB2  sing N N 85  
GLU CB  HB3  sing N N 86  
GLU CG  CD   sing N N 87  
GLU CG  HG2  sing N N 88  
GLU CG  HG3  sing N N 89  
GLU CD  OE1  doub N N 90  
GLU CD  OE2  sing N N 91  
GLU OE2 HE2  sing N N 92  
GLU OXT HXT  sing N N 93  
GLY N   CA   sing N N 94  
GLY N   H    sing N N 95  
GLY N   H2   sing N N 96  
GLY CA  C    sing N N 97  
GLY CA  HA2  sing N N 98  
GLY CA  HA3  sing N N 99  
GLY C   O    doub N N 100 
GLY C   OXT  sing N N 101 
GLY OXT HXT  sing N N 102 
HIS N   CA   sing N N 103 
HIS N   H    sing N N 104 
HIS N   H2   sing N N 105 
HIS CA  C    sing N N 106 
HIS CA  CB   sing N N 107 
HIS CA  HA   sing N N 108 
HIS C   O    doub N N 109 
HIS C   OXT  sing N N 110 
HIS CB  CG   sing N N 111 
HIS CB  HB2  sing N N 112 
HIS CB  HB3  sing N N 113 
HIS CG  ND1  sing Y N 114 
HIS CG  CD2  doub Y N 115 
HIS ND1 CE1  doub Y N 116 
HIS ND1 HD1  sing N N 117 
HIS CD2 NE2  sing Y N 118 
HIS CD2 HD2  sing N N 119 
HIS CE1 NE2  sing Y N 120 
HIS CE1 HE1  sing N N 121 
HIS NE2 HE2  sing N N 122 
HIS OXT HXT  sing N N 123 
HOH O   H1   sing N N 124 
HOH O   H2   sing N N 125 
ILE N   CA   sing N N 126 
ILE N   H    sing N N 127 
ILE N   H2   sing N N 128 
ILE CA  C    sing N N 129 
ILE CA  CB   sing N N 130 
ILE CA  HA   sing N N 131 
ILE C   O    doub N N 132 
ILE C   OXT  sing N N 133 
ILE CB  CG1  sing N N 134 
ILE CB  CG2  sing N N 135 
ILE CB  HB   sing N N 136 
ILE CG1 CD1  sing N N 137 
ILE CG1 HG12 sing N N 138 
ILE CG1 HG13 sing N N 139 
ILE CG2 HG21 sing N N 140 
ILE CG2 HG22 sing N N 141 
ILE CG2 HG23 sing N N 142 
ILE CD1 HD11 sing N N 143 
ILE CD1 HD12 sing N N 144 
ILE CD1 HD13 sing N N 145 
ILE OXT HXT  sing N N 146 
LEU N   CA   sing N N 147 
LEU N   H    sing N N 148 
LEU N   H2   sing N N 149 
LEU CA  C    sing N N 150 
LEU CA  CB   sing N N 151 
LEU CA  HA   sing N N 152 
LEU C   O    doub N N 153 
LEU C   OXT  sing N N 154 
LEU CB  CG   sing N N 155 
LEU CB  HB2  sing N N 156 
LEU CB  HB3  sing N N 157 
LEU CG  CD1  sing N N 158 
LEU CG  CD2  sing N N 159 
LEU CG  HG   sing N N 160 
LEU CD1 HD11 sing N N 161 
LEU CD1 HD12 sing N N 162 
LEU CD1 HD13 sing N N 163 
LEU CD2 HD21 sing N N 164 
LEU CD2 HD22 sing N N 165 
LEU CD2 HD23 sing N N 166 
LEU OXT HXT  sing N N 167 
LYS N   CA   sing N N 168 
LYS N   H    sing N N 169 
LYS N   H2   sing N N 170 
LYS CA  C    sing N N 171 
LYS CA  CB   sing N N 172 
LYS CA  HA   sing N N 173 
LYS C   O    doub N N 174 
LYS C   OXT  sing N N 175 
LYS CB  CG   sing N N 176 
LYS CB  HB2  sing N N 177 
LYS CB  HB3  sing N N 178 
LYS CG  CD   sing N N 179 
LYS CG  HG2  sing N N 180 
LYS CG  HG3  sing N N 181 
LYS CD  CE   sing N N 182 
LYS CD  HD2  sing N N 183 
LYS CD  HD3  sing N N 184 
LYS CE  NZ   sing N N 185 
LYS CE  HE2  sing N N 186 
LYS CE  HE3  sing N N 187 
LYS NZ  HZ1  sing N N 188 
LYS NZ  HZ2  sing N N 189 
LYS NZ  HZ3  sing N N 190 
LYS OXT HXT  sing N N 191 
MET N   CA   sing N N 192 
MET N   H    sing N N 193 
MET N   H2   sing N N 194 
MET CA  C    sing N N 195 
MET CA  CB   sing N N 196 
MET CA  HA   sing N N 197 
MET C   O    doub N N 198 
MET C   OXT  sing N N 199 
MET CB  CG   sing N N 200 
MET CB  HB2  sing N N 201 
MET CB  HB3  sing N N 202 
MET CG  SD   sing N N 203 
MET CG  HG2  sing N N 204 
MET CG  HG3  sing N N 205 
MET SD  CE   sing N N 206 
MET CE  HE1  sing N N 207 
MET CE  HE2  sing N N 208 
MET CE  HE3  sing N N 209 
MET OXT HXT  sing N N 210 
PHE N   CA   sing N N 211 
PHE N   H    sing N N 212 
PHE N   H2   sing N N 213 
PHE CA  C    sing N N 214 
PHE CA  CB   sing N N 215 
PHE CA  HA   sing N N 216 
PHE C   O    doub N N 217 
PHE C   OXT  sing N N 218 
PHE CB  CG   sing N N 219 
PHE CB  HB2  sing N N 220 
PHE CB  HB3  sing N N 221 
PHE CG  CD1  doub Y N 222 
PHE CG  CD2  sing Y N 223 
PHE CD1 CE1  sing Y N 224 
PHE CD1 HD1  sing N N 225 
PHE CD2 CE2  doub Y N 226 
PHE CD2 HD2  sing N N 227 
PHE CE1 CZ   doub Y N 228 
PHE CE1 HE1  sing N N 229 
PHE CE2 CZ   sing Y N 230 
PHE CE2 HE2  sing N N 231 
PHE CZ  HZ   sing N N 232 
PHE OXT HXT  sing N N 233 
PRO N   CA   sing N N 234 
PRO N   CD   sing N N 235 
PRO N   H    sing N N 236 
PRO CA  C    sing N N 237 
PRO CA  CB   sing N N 238 
PRO CA  HA   sing N N 239 
PRO C   O    doub N N 240 
PRO C   OXT  sing N N 241 
PRO CB  CG   sing N N 242 
PRO CB  HB2  sing N N 243 
PRO CB  HB3  sing N N 244 
PRO CG  CD   sing N N 245 
PRO CG  HG2  sing N N 246 
PRO CG  HG3  sing N N 247 
PRO CD  HD2  sing N N 248 
PRO CD  HD3  sing N N 249 
PRO OXT HXT  sing N N 250 
SER N   CA   sing N N 251 
SER N   H    sing N N 252 
SER N   H2   sing N N 253 
SER CA  C    sing N N 254 
SER CA  CB   sing N N 255 
SER CA  HA   sing N N 256 
SER C   O    doub N N 257 
SER C   OXT  sing N N 258 
SER CB  OG   sing N N 259 
SER CB  HB2  sing N N 260 
SER CB  HB3  sing N N 261 
SER OG  HG   sing N N 262 
SER OXT HXT  sing N N 263 
THR N   CA   sing N N 264 
THR N   H    sing N N 265 
THR N   H2   sing N N 266 
THR CA  C    sing N N 267 
THR CA  CB   sing N N 268 
THR CA  HA   sing N N 269 
THR C   O    doub N N 270 
THR C   OXT  sing N N 271 
THR CB  OG1  sing N N 272 
THR CB  CG2  sing N N 273 
THR CB  HB   sing N N 274 
THR OG1 HG1  sing N N 275 
THR CG2 HG21 sing N N 276 
THR CG2 HG22 sing N N 277 
THR CG2 HG23 sing N N 278 
THR OXT HXT  sing N N 279 
TYR N   CA   sing N N 280 
TYR N   H    sing N N 281 
TYR N   H2   sing N N 282 
TYR CA  C    sing N N 283 
TYR CA  CB   sing N N 284 
TYR CA  HA   sing N N 285 
TYR C   O    doub N N 286 
TYR C   OXT  sing N N 287 
TYR CB  CG   sing N N 288 
TYR CB  HB2  sing N N 289 
TYR CB  HB3  sing N N 290 
TYR CG  CD1  doub Y N 291 
TYR CG  CD2  sing Y N 292 
TYR CD1 CE1  sing Y N 293 
TYR CD1 HD1  sing N N 294 
TYR CD2 CE2  doub Y N 295 
TYR CD2 HD2  sing N N 296 
TYR CE1 CZ   doub Y N 297 
TYR CE1 HE1  sing N N 298 
TYR CE2 CZ   sing Y N 299 
TYR CE2 HE2  sing N N 300 
TYR CZ  OH   sing N N 301 
TYR OH  HH   sing N N 302 
TYR OXT HXT  sing N N 303 
VAL N   CA   sing N N 304 
VAL N   H    sing N N 305 
VAL N   H2   sing N N 306 
VAL CA  C    sing N N 307 
VAL CA  CB   sing N N 308 
VAL CA  HA   sing N N 309 
VAL C   O    doub N N 310 
VAL C   OXT  sing N N 311 
VAL CB  CG1  sing N N 312 
VAL CB  CG2  sing N N 313 
VAL CB  HB   sing N N 314 
VAL CG1 HG11 sing N N 315 
VAL CG1 HG12 sing N N 316 
VAL CG1 HG13 sing N N 317 
VAL CG2 HG21 sing N N 318 
VAL CG2 HG22 sing N N 319 
VAL CG2 HG23 sing N N 320 
VAL OXT HXT  sing N N 321 
# 
_pdbx_initial_refinement_model.id               1 
_pdbx_initial_refinement_model.entity_id_list   ? 
_pdbx_initial_refinement_model.type             'experimental model' 
_pdbx_initial_refinement_model.source_name      PDB 
_pdbx_initial_refinement_model.accession_code   1PLC 
_pdbx_initial_refinement_model.details          'PDB ENTRY 1PLC' 
# 
_atom_sites.entry_id                    1AG6 
_atom_sites.fract_transf_matrix[1][1]   -0.00277803 
_atom_sites.fract_transf_matrix[1][2]   -0.00803482 
_atom_sites.fract_transf_matrix[1][3]   -0.01269401 
_atom_sites.fract_transf_matrix[2][1]   -0.01406173 
_atom_sites.fract_transf_matrix[2][2]   -0.00023633 
_atom_sites.fract_transf_matrix[2][3]   -0.00596646 
_atom_sites.fract_transf_matrix[3][1]   0.00679750 
_atom_sites.fract_transf_matrix[3][2]   0.02449259 
_atom_sites.fract_transf_matrix[3][3]   -0.01699048 
_atom_sites.fract_transf_vector[1]      0.531201 
_atom_sites.fract_transf_vector[2]      0.719546 
_atom_sites.fract_transf_vector[3]      0.107905 
# 
loop_
_atom_type.symbol 
C  
CU 
N  
O  
S  
# 
loop_
_atom_site.group_PDB 
_atom_site.id 
_atom_site.type_symbol 
_atom_site.label_atom_id 
_atom_site.label_alt_id 
_atom_site.label_comp_id 
_atom_site.label_asym_id 
_atom_site.label_entity_id 
_atom_site.label_seq_id 
_atom_site.pdbx_PDB_ins_code 
_atom_site.Cartn_x 
_atom_site.Cartn_y 
_atom_site.Cartn_z 
_atom_site.occupancy 
_atom_site.B_iso_or_equiv 
_atom_site.pdbx_formal_charge 
_atom_site.auth_seq_id 
_atom_site.auth_comp_id 
_atom_site.auth_asym_id 
_atom_site.auth_atom_id 
_atom_site.pdbx_PDB_model_num 
ATOM   1   N  N   . VAL A 1 1  ? -0.183  -9.964  6.653   1.00 22.19 ? 1   VAL A N   1 
ATOM   2   C  CA  . VAL A 1 1  ? 0.921   -10.004 5.647   1.00 21.62 ? 1   VAL A CA  1 
ATOM   3   C  C   . VAL A 1 1  ? 1.770   -8.752  5.813   1.00 19.98 ? 1   VAL A C   1 
ATOM   4   O  O   . VAL A 1 1  ? 1.258   -7.703  6.259   1.00 20.29 ? 1   VAL A O   1 
ATOM   5   C  CB  . VAL A 1 1  ? 0.349   -10.151 4.227   1.00 22.77 ? 1   VAL A CB  1 
ATOM   6   C  CG1 . VAL A 1 1  ? -0.488  -8.942  3.824   1.00 25.21 ? 1   VAL A CG1 1 
ATOM   7   C  CG2 . VAL A 1 1  ? 1.447   -10.382 3.195   1.00 26.05 ? 1   VAL A CG2 1 
ATOM   8   N  N   . GLU A 1 2  ? 3.055   -8.845  5.527   1.00 17.21 ? 2   GLU A N   1 
ATOM   9   C  CA  . GLU A 1 2  ? 3.944   -7.688  5.543   1.00 16.90 ? 2   GLU A CA  1 
ATOM   10  C  C   . GLU A 1 2  ? 4.390   -7.370  4.120   1.00 16.34 ? 2   GLU A C   1 
ATOM   11  O  O   . GLU A 1 2  ? 4.669   -8.294  3.322   1.00 17.36 ? 2   GLU A O   1 
ATOM   12  C  CB  . GLU A 1 2  ? 5.198   -7.951  6.395   1.00 16.91 ? 2   GLU A CB  1 
ATOM   13  C  CG  . GLU A 1 2  ? 6.127   -6.743  6.497   1.00 18.99 ? 2   GLU A CG  1 
ATOM   14  C  CD  . GLU A 1 2  ? 7.291   -7.064  7.410   1.00 21.33 ? 2   GLU A CD  1 
ATOM   15  O  OE1 . GLU A 1 2  ? 8.244   -7.757  6.996   1.00 23.37 ? 2   GLU A OE1 1 
ATOM   16  O  OE2 . GLU A 1 2  ? 7.273   -6.693  8.598   1.00 21.38 ? 2   GLU A OE2 1 
ATOM   17  N  N   . VAL A 1 3  ? 4.388   -6.094  3.768   1.00 15.17 ? 3   VAL A N   1 
ATOM   18  C  CA  . VAL A 1 3  ? 4.763   -5.642  2.427   1.00 15.50 ? 3   VAL A CA  1 
ATOM   19  C  C   . VAL A 1 3  ? 5.892   -4.648  2.577   1.00 16.01 ? 3   VAL A C   1 
ATOM   20  O  O   . VAL A 1 3  ? 5.756   -3.649  3.288   1.00 17.55 ? 3   VAL A O   1 
ATOM   21  C  CB  . VAL A 1 3  ? 3.553   -4.985  1.731   1.00 16.61 ? 3   VAL A CB  1 
ATOM   22  C  CG1 . VAL A 1 3  ? 3.900   -4.473  0.347   1.00 18.82 ? 3   VAL A CG1 1 
ATOM   23  C  CG2 . VAL A 1 3  ? 2.359   -5.954  1.645   1.00 17.36 ? 3   VAL A CG2 1 
ATOM   24  N  N   . LEU A 1 4  ? 7.031   -4.849  1.913   1.00 15.52 ? 4   LEU A N   1 
ATOM   25  C  CA  . LEU A 1 4  ? 8.116   -3.874  1.980   1.00 14.77 ? 4   LEU A CA  1 
ATOM   26  C  C   . LEU A 1 4  ? 7.921   -2.776  0.950   1.00 14.21 ? 4   LEU A C   1 
ATOM   27  O  O   . LEU A 1 4  ? 7.493   -2.990  -0.173  1.00 14.92 ? 4   LEU A O   1 
ATOM   28  C  CB  . LEU A 1 4  ? 9.473   -4.567  1.650   1.00 15.23 ? 4   LEU A CB  1 
ATOM   29  C  CG  . LEU A 1 4  ? 9.841   -5.639  2.690   1.00 16.28 ? 4   LEU A CG  1 
ATOM   30  C  CD1 . LEU A 1 4  ? 11.035  -6.447  2.159   1.00 19.34 ? 4   LEU A CD1 1 
ATOM   31  C  CD2 . LEU A 1 4  ? 10.238  -4.988  4.011   1.00 18.87 ? 4   LEU A CD2 1 
ATOM   32  N  N   . LEU A 1 5  ? 8.223   -1.546  1.350   1.00 14.94 ? 5   LEU A N   1 
ATOM   33  C  CA  . LEU A 1 5  ? 8.197   -0.375  0.507   1.00 14.89 ? 5   LEU A CA  1 
ATOM   34  C  C   . LEU A 1 5  ? 9.621   -0.097  -0.017  1.00 16.35 ? 5   LEU A C   1 
ATOM   35  O  O   . LEU A 1 5  ? 10.427  0.443   0.742   1.00 17.51 ? 5   LEU A O   1 
ATOM   36  C  CB  . LEU A 1 5  ? 7.720   0.841   1.315   1.00 16.63 ? 5   LEU A CB  1 
ATOM   37  C  CG  . LEU A 1 5  ? 6.346   0.701   1.987   1.00 20.00 ? 5   LEU A CG  1 
ATOM   38  C  CD1 . LEU A 1 5  ? 5.928   1.997   2.670   1.00 21.47 ? 5   LEU A CD1 1 
ATOM   39  C  CD2 . LEU A 1 5  ? 5.298   0.300   0.980   1.00 21.83 ? 5   LEU A CD2 1 
ATOM   40  N  N   . GLY A 1 6  ? 9.864   -0.542  -1.231  1.00 17.37 ? 6   GLY A N   1 
ATOM   41  C  CA  . GLY A 1 6  ? 11.202  -0.378  -1.849  1.00 18.55 ? 6   GLY A CA  1 
ATOM   42  C  C   . GLY A 1 6  ? 12.005  -1.657  -1.672  1.00 17.60 ? 6   GLY A C   1 
ATOM   43  O  O   . GLY A 1 6  ? 11.960  -2.347  -0.645  1.00 18.55 ? 6   GLY A O   1 
ATOM   44  N  N   . GLY A 1 7  ? 12.772  -2.063  -2.701  1.00 17.96 ? 7   GLY A N   1 
ATOM   45  C  CA  . GLY A 1 7  ? 13.734  -3.151  -2.469  1.00 19.19 ? 7   GLY A CA  1 
ATOM   46  C  C   . GLY A 1 7  ? 14.913  -2.596  -1.703  1.00 19.24 ? 7   GLY A C   1 
ATOM   47  O  O   . GLY A 1 7  ? 15.144  -1.381  -1.643  1.00 21.27 ? 7   GLY A O   1 
ATOM   48  N  N   . ASP A 1 8  ? 15.813  -3.460  -1.216  1.00 20.20 ? 8   ASP A N   1 
ATOM   49  C  CA  . ASP A 1 8  ? 16.991  -2.972  -0.486  1.00 20.45 ? 8   ASP A CA  1 
ATOM   50  C  C   . ASP A 1 8  ? 17.901  -2.139  -1.373  1.00 21.36 ? 8   ASP A C   1 
ATOM   51  O  O   . ASP A 1 8  ? 18.703  -1.319  -0.891  1.00 22.96 ? 8   ASP A O   1 
ATOM   52  C  CB  . ASP A 1 8  ? 17.846  -4.138  0.033   1.00 21.19 ? 8   ASP A CB  1 
ATOM   53  C  CG  . ASP A 1 8  ? 17.341  -4.832  1.270   1.00 21.77 ? 8   ASP A CG  1 
ATOM   54  O  OD1 . ASP A 1 8  ? 16.162  -4.625  1.637   1.00 22.06 ? 8   ASP A OD1 1 
ATOM   55  O  OD2 . ASP A 1 8  ? 18.091  -5.623  1.884   1.00 20.84 ? 8   ASP A OD2 1 
ATOM   56  N  N   . ASP A 1 9  ? 17.874  -2.386  -2.674  1.00 20.39 ? 9   ASP A N   1 
ATOM   57  C  CA  . ASP A 1 9  ? 18.650  -1.681  -3.673  1.00 21.41 ? 9   ASP A CA  1 
ATOM   58  C  C   . ASP A 1 9  ? 18.007  -0.355  -4.076  1.00 23.56 ? 9   ASP A C   1 
ATOM   59  O  O   . ASP A 1 9  ? 18.541  0.289   -4.984  1.00 26.28 ? 9   ASP A O   1 
ATOM   60  C  CB  . ASP A 1 9  ? 18.825  -2.534  -4.930  1.00 21.84 ? 9   ASP A CB  1 
ATOM   61  C  CG  . ASP A 1 9  ? 17.545  -2.981  -5.594  1.00 22.06 ? 9   ASP A CG  1 
ATOM   62  O  OD1 . ASP A 1 9  ? 16.422  -2.811  -5.052  1.00 22.18 ? 9   ASP A OD1 1 
ATOM   63  O  OD2 . ASP A 1 9  ? 17.605  -3.558  -6.695  1.00 25.21 ? 9   ASP A OD2 1 
ATOM   64  N  N   . GLY A 1 10 ? 16.899  0.024   -3.450  1.00 23.73 ? 10  GLY A N   1 
ATOM   65  C  CA  . GLY A 1 10 ? 16.212  1.258   -3.824  1.00 22.58 ? 10  GLY A CA  1 
ATOM   66  C  C   . GLY A 1 10 ? 15.258  1.109   -4.983  1.00 22.97 ? 10  GLY A C   1 
ATOM   67  O  O   . GLY A 1 10 ? 14.657  2.147   -5.363  1.00 24.41 ? 10  GLY A O   1 
ATOM   68  N  N   . SER A 1 11 ? 14.943  -0.108  -5.428  1.00 21.33 ? 11  SER A N   1 
ATOM   69  C  CA  . SER A 1 11 ? 14.004  -0.319  -6.516  1.00 19.70 ? 11  SER A CA  1 
ATOM   70  C  C   . SER A 1 11 ? 12.599  0.108   -6.066  1.00 19.97 ? 11  SER A C   1 
ATOM   71  O  O   . SER A 1 11 ? 12.292  -0.042  -4.880  1.00 19.02 ? 11  SER A O   1 
ATOM   72  C  CB  . SER A 1 11 ? 13.980  -1.776  -6.970  1.00 21.33 ? 11  SER A CB  1 
ATOM   73  O  OG  . SER A 1 11 ? 13.872  -2.661  -5.854  1.00 23.38 ? 11  SER A OG  1 
ATOM   74  N  N   . LEU A 1 12 ? 11.835  0.671   -7.007  1.00 19.60 ? 12  LEU A N   1 
ATOM   75  C  CA  . LEU A 1 12 ? 10.606  1.376   -6.551  1.00 20.50 ? 12  LEU A CA  1 
ATOM   76  C  C   . LEU A 1 12 ? 9.421   0.439   -6.688  1.00 20.27 ? 12  LEU A C   1 
ATOM   77  O  O   . LEU A 1 12 ? 8.634   0.491   -7.646  1.00 22.55 ? 12  LEU A O   1 
ATOM   78  C  CB  . LEU A 1 12 ? 10.450  2.682   -7.326  1.00 21.72 ? 12  LEU A CB  1 
ATOM   79  C  CG  . LEU A 1 12 ? 11.567  3.714   -7.136  1.00 21.52 ? 12  LEU A CG  1 
ATOM   80  C  CD1 . LEU A 1 12 ? 11.312  4.908   -8.065  1.00 23.61 ? 12  LEU A CD1 1 
ATOM   81  C  CD2 . LEU A 1 12 ? 11.662  4.170   -5.688  1.00 23.97 ? 12  LEU A CD2 1 
ATOM   82  N  N   . ALA A 1 13 ? 9.341   -0.508  -5.751  1.00 18.99 ? 13  ALA A N   1 
ATOM   83  C  CA  . ALA A 1 13 ? 8.395   -1.619  -5.834  1.00 17.81 ? 13  ALA A CA  1 
ATOM   84  C  C   . ALA A 1 13 ? 7.796   -1.889  -4.460  1.00 16.71 ? 13  ALA A C   1 
ATOM   85  O  O   . ALA A 1 13 ? 8.475   -1.709  -3.443  1.00 18.21 ? 13  ALA A O   1 
ATOM   86  C  CB  . ALA A 1 13 ? 9.085   -2.923  -6.261  1.00 19.69 ? 13  ALA A CB  1 
ATOM   87  N  N   . PHE A 1 14 ? 6.520   -2.269  -4.440  1.00 16.50 ? 14  PHE A N   1 
ATOM   88  C  CA  . PHE A 1 14 ? 5.985   -2.953  -3.255  1.00 15.50 ? 14  PHE A CA  1 
ATOM   89  C  C   . PHE A 1 14 ? 6.396   -4.407  -3.322  1.00 15.29 ? 14  PHE A C   1 
ATOM   90  O  O   . PHE A 1 14 ? 6.239   -5.050  -4.393  1.00 16.84 ? 14  PHE A O   1 
ATOM   91  C  CB  . PHE A 1 14 ? 4.444   -2.867  -3.279  1.00 15.41 ? 14  PHE A CB  1 
ATOM   92  C  CG  . PHE A 1 14 ? 3.904   -1.484  -3.021  1.00 16.10 ? 14  PHE A CG  1 
ATOM   93  C  CD1 . PHE A 1 14 ? 3.826   -0.953  -1.748  1.00 17.43 ? 14  PHE A CD1 1 
ATOM   94  C  CD2 . PHE A 1 14 ? 3.496   -0.695  -4.095  1.00 16.99 ? 14  PHE A CD2 1 
ATOM   95  C  CE1 . PHE A 1 14 ? 3.319   0.328   -1.554  1.00 18.86 ? 14  PHE A CE1 1 
ATOM   96  C  CE2 . PHE A 1 14 ? 2.994   0.590   -3.897  1.00 16.95 ? 14  PHE A CE2 1 
ATOM   97  C  CZ  . PHE A 1 14 ? 2.906   1.107   -2.622  1.00 17.93 ? 14  PHE A CZ  1 
ATOM   98  N  N   . LEU A 1 15 ? 6.864   -5.004  -2.237  1.00 15.08 ? 15  LEU A N   1 
ATOM   99  C  CA  . LEU A 1 15 ? 7.232   -6.420  -2.237  1.00 15.40 ? 15  LEU A CA  1 
ATOM   100 C  C   . LEU A 1 15 ? 6.527   -7.169  -1.130  1.00 15.39 ? 15  LEU A C   1 
ATOM   101 O  O   . LEU A 1 15 ? 6.918   -6.980  0.038   1.00 15.92 ? 15  LEU A O   1 
ATOM   102 C  CB  . LEU A 1 15 ? 8.771   -6.526  -2.059  1.00 17.17 ? 15  LEU A CB  1 
ATOM   103 C  CG  . LEU A 1 15 ? 9.576   -5.828  -3.180  1.00 18.95 ? 15  LEU A CG  1 
ATOM   104 C  CD1 . LEU A 1 15 ? 10.995  -5.511  -2.725  1.00 22.06 ? 15  LEU A CD1 1 
ATOM   105 C  CD2 . LEU A 1 15 ? 9.593   -6.669  -4.445  1.00 22.06 ? 15  LEU A CD2 1 
ATOM   106 N  N   . PRO A 1 16 ? 5.556   -8.026  -1.422  1.00 16.94 ? 16  PRO A N   1 
ATOM   107 C  CA  . PRO A 1 16 ? 5.075   -8.321  -2.737  1.00 17.77 ? 16  PRO A CA  1 
ATOM   108 C  C   . PRO A 1 16 ? 4.136   -7.297  -3.347  1.00 18.02 ? 16  PRO A C   1 
ATOM   109 O  O   . PRO A 1 16 ? 3.633   -6.457  -2.592  1.00 19.95 ? 16  PRO A O   1 
ATOM   110 C  CB  . PRO A 1 16 ? 4.209   -9.605  -2.536  1.00 17.94 ? 16  PRO A CB  1 
ATOM   111 C  CG  . PRO A 1 16 ? 3.764   -9.507  -1.115  1.00 17.27 ? 16  PRO A CG  1 
ATOM   112 C  CD  . PRO A 1 16 ? 4.952   -8.920  -0.384  1.00 16.25 ? 16  PRO A CD  1 
ATOM   113 N  N   . GLY A 1 17 ? 3.940   -7.292  -4.672  1.00 19.50 ? 17  GLY A N   1 
ATOM   114 C  CA  . GLY A 1 17 ? 3.175   -6.209  -5.299  1.00 20.57 ? 17  GLY A CA  1 
ATOM   115 C  C   . GLY A 1 17 ? 1.769   -6.658  -5.656  1.00 20.83 ? 17  GLY A C   1 
ATOM   116 O  O   . GLY A 1 17 ? 0.932   -5.823  -5.947  1.00 24.78 ? 17  GLY A O   1 
ATOM   117 N  N   . ASP A 1 18 ? 1.483   -7.934  -5.694  1.00 20.96 ? 18  ASP A N   1 
ATOM   118 C  CA  . ASP A 1 18 ? 0.161   -8.467  -6.039  1.00 24.66 ? 18  ASP A CA  1 
ATOM   119 C  C   . ASP A 1 18 ? -0.048  -9.647  -5.095  1.00 24.71 ? 18  ASP A C   1 
ATOM   120 O  O   . ASP A 1 18 ? 0.649   -10.658 -5.198  1.00 26.60 ? 18  ASP A O   1 
ATOM   121 C  CB  . ASP A 1 18 ? 0.126   -8.911  -7.493  1.00 29.13 ? 18  ASP A CB  1 
ATOM   122 C  CG  . ASP A 1 18 ? -1.184  -9.394  -8.063  1.00 32.51 ? 18  ASP A CG  1 
ATOM   123 O  OD1 . ASP A 1 18 ? -1.973  -10.048 -7.363  1.00 34.14 ? 18  ASP A OD1 1 
ATOM   124 O  OD2 . ASP A 1 18 ? -1.478  -9.112  -9.253  1.00 35.31 ? 18  ASP A OD2 1 
ATOM   125 N  N   . PHE A 1 19 ? -0.979  -9.551  -4.160  1.00 22.87 ? 19  PHE A N   1 
ATOM   126 C  CA  . PHE A 1 19 ? -1.089  -10.556 -3.115  1.00 22.29 ? 19  PHE A CA  1 
ATOM   127 C  C   . PHE A 1 19 ? -2.551  -10.657 -2.677  1.00 22.62 ? 19  PHE A C   1 
ATOM   128 O  O   . PHE A 1 19 ? -3.368  -9.837  -3.101  1.00 22.84 ? 19  PHE A O   1 
ATOM   129 C  CB  . PHE A 1 19 ? -0.148  -10.274 -1.937  1.00 23.08 ? 19  PHE A CB  1 
ATOM   130 C  CG  . PHE A 1 19 ? -0.338  -8.936  -1.282  1.00 23.43 ? 19  PHE A CG  1 
ATOM   131 C  CD1 . PHE A 1 19 ? 0.174   -7.782  -1.842  1.00 22.77 ? 19  PHE A CD1 1 
ATOM   132 C  CD2 . PHE A 1 19 ? -1.052  -8.849  -0.082  1.00 24.79 ? 19  PHE A CD2 1 
ATOM   133 C  CE1 . PHE A 1 19 ? -0.015  -6.546  -1.246  1.00 23.37 ? 19  PHE A CE1 1 
ATOM   134 C  CE2 . PHE A 1 19 ? -1.237  -7.613  0.525   1.00 23.93 ? 19  PHE A CE2 1 
ATOM   135 C  CZ  . PHE A 1 19 ? -0.731  -6.463  -0.062  1.00 22.22 ? 19  PHE A CZ  1 
ATOM   136 N  N   . SER A 1 20 ? -2.806  -11.694 -1.912  1.00 24.54 ? 20  SER A N   1 
ATOM   137 C  CA  . SER A 1 20 ? -4.153  -11.949 -1.418  1.00 26.46 ? 20  SER A CA  1 
ATOM   138 C  C   . SER A 1 20 ? -4.131  -11.997 0.100   1.00 25.24 ? 20  SER A C   1 
ATOM   139 O  O   . SER A 1 20 ? -3.171  -12.450 0.708   1.00 25.71 ? 20  SER A O   1 
ATOM   140 C  CB  . SER A 1 20 ? -4.649  -13.329 -1.924  1.00 29.08 ? 20  SER A CB  1 
ATOM   141 O  OG  . SER A 1 20 ? -5.141  -13.122 -3.247  1.00 33.29 ? 20  SER A OG  1 
ATOM   142 N  N   . VAL A 1 21 ? -5.196  -11.520 0.742   1.00 25.69 ? 21  VAL A N   1 
ATOM   143 C  CA  . VAL A 1 21 ? -5.360  -11.617 2.177   1.00 24.24 ? 21  VAL A CA  1 
ATOM   144 C  C   . VAL A 1 21 ? -6.797  -12.100 2.462   1.00 24.66 ? 21  VAL A C   1 
ATOM   145 O  O   . VAL A 1 21 ? -7.671  -12.000 1.593   1.00 24.43 ? 21  VAL A O   1 
ATOM   146 C  CB  . VAL A 1 21 ? -5.168  -10.256 2.875   1.00 24.99 ? 21  VAL A CB  1 
ATOM   147 C  CG1 . VAL A 1 21 ? -3.748  -9.721  2.773   1.00 26.27 ? 21  VAL A CG1 1 
ATOM   148 C  CG2 . VAL A 1 21 ? -6.122  -9.255  2.223   1.00 24.94 ? 21  VAL A CG2 1 
ATOM   149 N  N   . ALA A 1 22 ? -7.006  -12.562 3.686   1.00 24.63 ? 22  ALA A N   1 
ATOM   150 C  CA  . ALA A 1 22 ? -8.380  -12.847 4.109   1.00 25.88 ? 22  ALA A CA  1 
ATOM   151 C  C   . ALA A 1 22 ? -9.008  -11.531 4.572   1.00 26.43 ? 22  ALA A C   1 
ATOM   152 O  O   . ALA A 1 22 ? -8.254  -10.709 5.113   1.00 26.53 ? 22  ALA A O   1 
ATOM   153 C  CB  . ALA A 1 22 ? -8.369  -13.798 5.289   1.00 26.07 ? 22  ALA A CB  1 
ATOM   154 N  N   . SER A 1 23 ? -10.316 -11.402 4.444   1.00 26.42 ? 23  SER A N   1 
ATOM   155 C  CA  . SER A 1 23 ? -11.006 -10.279 5.087   1.00 26.78 ? 23  SER A CA  1 
ATOM   156 C  C   . SER A 1 23 ? -10.638 -10.230 6.558   1.00 26.45 ? 23  SER A C   1 
ATOM   157 O  O   . SER A 1 23 ? -10.623 -11.238 7.265   1.00 27.11 ? 23  SER A O   1 
ATOM   158 C  CB  . SER A 1 23 ? -12.510 -10.464 4.857   1.00 27.53 ? 23  SER A CB  1 
ATOM   159 O  OG  . SER A 1 23 ? -13.250 -9.457  5.526   1.00 29.97 ? 23  SER A OG  1 
ATOM   160 N  N   . GLY A 1 24 ? -10.270 -9.059  7.059   1.00 24.27 ? 24  GLY A N   1 
ATOM   161 C  CA  . GLY A 1 24 ? -9.867  -8.833  8.426   1.00 24.17 ? 24  GLY A CA  1 
ATOM   162 C  C   . GLY A 1 24 ? -8.445  -9.128  8.793   1.00 24.26 ? 24  GLY A C   1 
ATOM   163 O  O   . GLY A 1 24 ? -8.044  -8.966  9.952   1.00 25.89 ? 24  GLY A O   1 
ATOM   164 N  N   . GLU A 1 25 ? -7.608  -9.528  7.851   1.00 23.36 ? 25  GLU A N   1 
ATOM   165 C  CA  . GLU A 1 25 ? -6.192  -9.758  8.088   1.00 23.96 ? 25  GLU A CA  1 
ATOM   166 C  C   . GLU A 1 25 ? -5.431  -8.430  8.006   1.00 22.26 ? 25  GLU A C   1 
ATOM   167 O  O   . GLU A 1 25 ? -5.649  -7.689  7.053   1.00 24.62 ? 25  GLU A O   1 
ATOM   168 C  CB  . GLU A 1 25 ? -5.650  -10.730 7.025   1.00 26.38 ? 25  GLU A CB  1 
ATOM   169 C  CG  . GLU A 1 25 ? -4.161  -11.033 7.215   1.00 28.89 ? 25  GLU A CG  1 
ATOM   170 C  CD  . GLU A 1 25 ? -3.612  -11.835 6.045   1.00 31.47 ? 25  GLU A CD  1 
ATOM   171 O  OE1 . GLU A 1 25 ? -4.388  -12.575 5.414   1.00 32.82 ? 25  GLU A OE1 1 
ATOM   172 O  OE2 . GLU A 1 25 ? -2.402  -11.750 5.736   1.00 32.17 ? 25  GLU A OE2 1 
ATOM   173 N  N   . GLU A 1 26 ? -4.487  -8.177  8.896   1.00 22.30 ? 26  GLU A N   1 
ATOM   174 C  CA  . GLU A 1 26 ? -3.793  -6.888  8.900   1.00 22.59 ? 26  GLU A CA  1 
ATOM   175 C  C   . GLU A 1 26 ? -2.696  -6.879  7.837   1.00 21.42 ? 26  GLU A C   1 
ATOM   176 O  O   . GLU A 1 26 ? -2.061  -7.896  7.622   1.00 21.68 ? 26  GLU A O   1 
ATOM   177 C  CB  . GLU A 1 26 ? -3.207  -6.621  10.279  1.00 24.87 ? 26  GLU A CB  1 
ATOM   178 C  CG  . GLU A 1 26 ? -2.427  -5.314  10.341  1.00 27.13 ? 26  GLU A CG  1 
ATOM   179 C  CD  . GLU A 1 26 ? -2.120  -5.034  11.822  1.00 29.50 ? 26  GLU A CD  1 
ATOM   180 O  OE1 . GLU A 1 26 ? -1.218  -5.724  12.328  1.00 30.19 ? 26  GLU A OE1 1 
ATOM   181 O  OE2 . GLU A 1 26 ? -2.856  -4.161  12.310  1.00 30.86 ? 26  GLU A OE2 1 
ATOM   182 N  N   . ILE A 1 27 ? -2.539  -5.742  7.180   1.00 18.93 ? 27  ILE A N   1 
ATOM   183 C  CA  . ILE A 1 27 ? -1.490  -5.533  6.184   1.00 17.61 ? 27  ILE A CA  1 
ATOM   184 C  C   . ILE A 1 27 ? -0.525  -4.528  6.817   1.00 17.67 ? 27  ILE A C   1 
ATOM   185 O  O   . ILE A 1 27 ? -0.944  -3.470  7.292   1.00 19.83 ? 27  ILE A O   1 
ATOM   186 C  CB  . ILE A 1 27 ? -2.014  -4.974  4.861   1.00 19.70 ? 27  ILE A CB  1 
ATOM   187 C  CG1 . ILE A 1 27 ? -3.088  -5.926  4.306   1.00 21.49 ? 27  ILE A CG1 1 
ATOM   188 C  CG2 . ILE A 1 27 ? -0.870  -4.766  3.850   1.00 19.23 ? 27  ILE A CG2 1 
ATOM   189 C  CD1 . ILE A 1 27 ? -3.798  -5.389  3.071   1.00 23.98 ? 27  ILE A CD1 1 
ATOM   190 N  N   . VAL A 1 28 ? 0.722   -4.966  6.937   1.00 16.16 ? 28  VAL A N   1 
ATOM   191 C  CA  . VAL A 1 28 ? 1.772   -4.143  7.517   1.00 15.02 ? 28  VAL A CA  1 
ATOM   192 C  C   . VAL A 1 28 ? 2.678   -3.660  6.400   1.00 15.52 ? 28  VAL A C   1 
ATOM   193 O  O   . VAL A 1 28 ? 3.425   -4.486  5.827   1.00 17.46 ? 28  VAL A O   1 
ATOM   194 C  CB  . VAL A 1 28 ? 2.575   -4.904  8.573   1.00 16.35 ? 28  VAL A CB  1 
ATOM   195 C  CG1 . VAL A 1 28 ? 3.665   -4.022  9.207   1.00 19.47 ? 28  VAL A CG1 1 
ATOM   196 C  CG2 . VAL A 1 28 ? 1.651   -5.468  9.661   1.00 18.85 ? 28  VAL A CG2 1 
ATOM   197 N  N   . PHE A 1 29 ? 2.627   -2.363  6.113   1.00 14.42 ? 29  PHE A N   1 
ATOM   198 C  CA  . PHE A 1 29 ? 3.550   -1.817  5.103   1.00 14.86 ? 29  PHE A CA  1 
ATOM   199 C  C   . PHE A 1 29 ? 4.792   -1.309  5.827   1.00 16.57 ? 29  PHE A C   1 
ATOM   200 O  O   . PHE A 1 29 ? 4.713   -0.455  6.724   1.00 18.39 ? 29  PHE A O   1 
ATOM   201 C  CB  . PHE A 1 29 ? 2.885   -0.709  4.302   1.00 15.77 ? 29  PHE A CB  1 
ATOM   202 C  CG  . PHE A 1 29 ? 1.744   -1.137  3.409   1.00 15.90 ? 29  PHE A CG  1 
ATOM   203 C  CD1 . PHE A 1 29 ? 1.961   -1.556  2.114   1.00 16.16 ? 29  PHE A CD1 1 
ATOM   204 C  CD2 . PHE A 1 29 ? 0.436   -1.029  3.861   1.00 17.11 ? 29  PHE A CD2 1 
ATOM   205 C  CE1 . PHE A 1 29 ? 0.906   -1.926  1.293   1.00 17.44 ? 29  PHE A CE1 1 
ATOM   206 C  CE2 . PHE A 1 29 ? -0.629  -1.382  3.028   1.00 17.46 ? 29  PHE A CE2 1 
ATOM   207 C  CZ  . PHE A 1 29 ? -0.398  -1.826  1.740   1.00 17.61 ? 29  PHE A CZ  1 
ATOM   208 N  N   . LYS A 1 30 ? 5.952   -1.849  5.479   1.00 14.85 ? 30  LYS A N   1 
ATOM   209 C  CA  . LYS A 1 30 ? 7.179   -1.487  6.186   1.00 15.45 ? 30  LYS A CA  1 
ATOM   210 C  C   . LYS A 1 30 ? 8.145   -0.732  5.295   1.00 14.35 ? 30  LYS A C   1 
ATOM   211 O  O   . LYS A 1 30 ? 8.545   -1.236  4.235   1.00 14.32 ? 30  LYS A O   1 
ATOM   212 C  CB  . LYS A 1 30 ? 7.840   -2.781  6.692   1.00 15.88 ? 30  LYS A CB  1 
ATOM   213 C  CG  . LYS A 1 30 ? 9.134   -2.487  7.442   1.00 16.01 ? 30  LYS A CG  1 
ATOM   214 C  CD  . LYS A 1 30 ? 9.752   -3.795  7.981   1.00 17.30 ? 30  LYS A CD  1 
ATOM   215 C  CE  . LYS A 1 30 ? 11.017  -3.424  8.768   1.00 18.90 ? 30  LYS A CE  1 
ATOM   216 N  NZ  . LYS A 1 30 ? 11.693  -4.695  9.219   1.00 19.12 ? 30  LYS A NZ  1 
ATOM   217 N  N   . ASN A 1 31 ? 8.504   0.503   5.683   1.00 14.53 ? 31  ASN A N   1 
ATOM   218 C  CA  . ASN A 1 31 ? 9.375   1.292   4.813   1.00 15.87 ? 31  ASN A CA  1 
ATOM   219 C  C   . ASN A 1 31 ? 10.780  0.686   4.761   1.00 15.80 ? 31  ASN A C   1 
ATOM   220 O  O   . ASN A 1 31 ? 11.349  0.360   5.809   1.00 17.89 ? 31  ASN A O   1 
ATOM   221 C  CB  . ASN A 1 31 ? 9.520   2.688   5.422   1.00 17.81 ? 31  ASN A CB  1 
ATOM   222 C  CG  . ASN A 1 31 ? 9.820   3.737   4.395   1.00 17.87 ? 31  ASN A CG  1 
ATOM   223 O  OD1 . ASN A 1 31 ? 9.543   3.649   3.195   1.00 20.51 ? 31  ASN A OD1 1 
ATOM   224 N  ND2 . ASN A 1 31 ? 10.429  4.839   4.832   1.00 18.35 ? 31  ASN A ND2 1 
ATOM   225 N  N   . ASN A 1 32 ? 11.306  0.558   3.541   1.00 16.17 ? 32  ASN A N   1 
ATOM   226 C  CA  . ASN A 1 32 ? 12.560  -0.192  3.428   1.00 16.84 ? 32  ASN A CA  1 
ATOM   227 C  C   . ASN A 1 32 ? 13.648  0.686   2.853   1.00 19.38 ? 32  ASN A C   1 
ATOM   228 O  O   . ASN A 1 32 ? 14.576  1.018   3.605   1.00 21.43 ? 32  ASN A O   1 
ATOM   229 C  CB  . ASN A 1 32 ? 12.314  -1.443  2.573   1.00 16.67 ? 32  ASN A CB  1 
ATOM   230 C  CG  . ASN A 1 32 ? 13.527  -2.365  2.547   1.00 18.62 ? 32  ASN A CG  1 
ATOM   231 O  OD1 . ASN A 1 32 ? 14.238  -2.478  3.548   1.00 19.83 ? 32  ASN A OD1 1 
ATOM   232 N  ND2 . ASN A 1 32 ? 13.713  -3.062  1.442   1.00 18.84 ? 32  ASN A ND2 1 
ATOM   233 N  N   . ALA A 1 33 ? 13.586  1.053   1.577   1.00 19.30 ? 33  ALA A N   1 
ATOM   234 C  CA  . ALA A 1 33 ? 14.634  1.898   0.979   1.00 19.43 ? 33  ALA A CA  1 
ATOM   235 C  C   . ALA A 1 33 ? 14.052  2.689   -0.157  1.00 18.85 ? 33  ALA A C   1 
ATOM   236 O  O   . ALA A 1 33 ? 12.954  2.337   -0.631  1.00 19.04 ? 33  ALA A O   1 
ATOM   237 C  CB  . ALA A 1 33 ? 15.775  1.000   0.503   1.00 20.44 ? 33  ALA A CB  1 
ATOM   238 N  N   . GLY A 1 34 ? 14.723  3.717   -0.685  1.00 19.52 ? 34  GLY A N   1 
ATOM   239 C  CA  . GLY A 1 34 ? 14.207  4.502   -1.794  1.00 19.83 ? 34  GLY A CA  1 
ATOM   240 C  C   . GLY A 1 34 ? 13.098  5.477   -1.395  1.00 20.50 ? 34  GLY A C   1 
ATOM   241 O  O   . GLY A 1 34 ? 12.367  5.988   -2.249  1.00 22.50 ? 34  GLY A O   1 
ATOM   242 N  N   . PHE A 1 35 ? 12.938  5.698   -0.111  1.00 22.41 ? 35  PHE A N   1 
ATOM   243 C  CA  . PHE A 1 35 ? 11.828  6.539   0.404   1.00 26.22 ? 35  PHE A CA  1 
ATOM   244 C  C   . PHE A 1 35 ? 12.175  7.958   0.029   1.00 26.74 ? 35  PHE A C   1 
ATOM   245 O  O   . PHE A 1 35 ? 13.285  8.190   -0.490  1.00 29.77 ? 35  PHE A O   1 
ATOM   246 C  CB  . PHE A 1 35 ? 11.615  6.170   1.869   1.00 25.29 ? 35  PHE A CB  1 
ATOM   247 C  CG  . PHE A 1 35 ? 12.897  6.083   2.652   1.00 25.99 ? 35  PHE A CG  1 
ATOM   248 C  CD1 . PHE A 1 35 ? 13.570  7.242   2.994   1.00 26.74 ? 35  PHE A CD1 1 
ATOM   249 C  CD2 . PHE A 1 35 ? 13.378  4.865   3.088   1.00 27.13 ? 35  PHE A CD2 1 
ATOM   250 C  CE1 . PHE A 1 35 ? 14.772  7.191   3.691   1.00 28.65 ? 35  PHE A CE1 1 
ATOM   251 C  CE2 . PHE A 1 35 ? 14.564  4.803   3.813   1.00 28.62 ? 35  PHE A CE2 1 
ATOM   252 C  CZ  . PHE A 1 35 ? 15.264  5.960   4.100   1.00 28.28 ? 35  PHE A CZ  1 
ATOM   253 N  N   . PRO A 1 36 ? 11.293  8.930   0.196   1.00 25.80 ? 36  PRO A N   1 
ATOM   254 C  CA  . PRO A 1 36 ? 10.008  8.746   0.817   1.00 23.34 ? 36  PRO A CA  1 
ATOM   255 C  C   . PRO A 1 36 ? 9.030   7.857   0.077   1.00 20.88 ? 36  PRO A C   1 
ATOM   256 O  O   . PRO A 1 36 ? 8.934   7.822   -1.154  1.00 21.51 ? 36  PRO A O   1 
ATOM   257 C  CB  . PRO A 1 36 ? 9.444   10.179  0.827   1.00 25.53 ? 36  PRO A CB  1 
ATOM   258 C  CG  . PRO A 1 36 ? 9.951   10.734  -0.478  1.00 27.82 ? 36  PRO A CG  1 
ATOM   259 C  CD  . PRO A 1 36 ? 11.415  10.289  -0.429  1.00 27.38 ? 36  PRO A CD  1 
ATOM   260 N  N   . HIS A 1 37 ? 8.158   7.185   0.834   1.00 19.32 ? 37  HIS A N   1 
ATOM   261 C  CA  . HIS A 1 37 ? 7.065   6.400   0.258   1.00 18.84 ? 37  HIS A CA  1 
ATOM   262 C  C   . HIS A 1 37 ? 5.787   6.662   1.069   1.00 19.12 ? 37  HIS A C   1 
ATOM   263 O  O   . HIS A 1 37 ? 5.833   7.080   2.227   1.00 20.76 ? 37  HIS A O   1 
ATOM   264 C  CB  . HIS A 1 37 ? 7.349   4.899   0.315   1.00 17.35 ? 37  HIS A CB  1 
ATOM   265 C  CG  . HIS A 1 37 ? 8.555   4.401   -0.408  1.00 17.38 ? 37  HIS A CG  1 
ATOM   266 N  ND1 . HIS A 1 37 ? 8.722   4.581   -1.762  1.00 16.73 ? 37  HIS A ND1 1 
ATOM   267 C  CD2 . HIS A 1 37 ? 9.645   3.735   0.040   1.00 17.01 ? 37  HIS A CD2 1 
ATOM   268 C  CE1 . HIS A 1 37 ? 9.856   4.045   -2.145  1.00 16.58 ? 37  HIS A CE1 1 
ATOM   269 N  NE2 . HIS A 1 37 ? 10.441  3.502   -1.069  1.00 17.50 ? 37  HIS A NE2 1 
ATOM   270 N  N   . ASN A 1 38 ? 4.639   6.418   0.471   1.00 19.44 ? 38  ASN A N   1 
ATOM   271 C  CA  . ASN A 1 38 ? 3.412   6.261   1.265   1.00 19.09 ? 38  ASN A CA  1 
ATOM   272 C  C   . ASN A 1 38 ? 2.533   5.256   0.544   1.00 16.72 ? 38  ASN A C   1 
ATOM   273 O  O   . ASN A 1 38 ? 2.921   4.547   -0.404  1.00 18.23 ? 38  ASN A O   1 
ATOM   274 C  CB  . ASN A 1 38 ? 2.663   7.596   1.401   1.00 20.91 ? 38  ASN A CB  1 
ATOM   275 C  CG  . ASN A 1 38 ? 2.192   8.124   0.057   1.00 20.73 ? 38  ASN A CG  1 
ATOM   276 O  OD1 . ASN A 1 38 ? 2.366   7.639   -1.051  1.00 23.05 ? 38  ASN A OD1 1 
ATOM   277 N  ND2 . ASN A 1 38 ? 1.505   9.265   0.038   1.00 26.25 ? 38  ASN A ND2 1 
ATOM   278 N  N   . VAL A 1 39 ? 1.296   5.159   1.050   1.00 17.06 ? 39  VAL A N   1 
ATOM   279 C  CA  . VAL A 1 39 ? 0.357   4.156   0.534   1.00 17.01 ? 39  VAL A CA  1 
ATOM   280 C  C   . VAL A 1 39 ? -1.001  4.849   0.405   1.00 17.55 ? 39  VAL A C   1 
ATOM   281 O  O   . VAL A 1 39 ? -1.545  5.279   1.442   1.00 18.97 ? 39  VAL A O   1 
ATOM   282 C  CB  . VAL A 1 39 ? 0.203   2.958   1.489   1.00 18.73 ? 39  VAL A CB  1 
ATOM   283 C  CG1 . VAL A 1 39 ? -0.873  2.009   0.955   1.00 19.26 ? 39  VAL A CG1 1 
ATOM   284 C  CG2 . VAL A 1 39 ? 1.528   2.237   1.736   1.00 19.54 ? 39  VAL A CG2 1 
ATOM   285 N  N   . VAL A 1 40 ? -1.463  4.980   -0.823  1.00 17.67 ? 40  VAL A N   1 
ATOM   286 C  CA  . VAL A 1 40 ? -2.778  5.585   -1.057  1.00 17.27 ? 40  VAL A CA  1 
ATOM   287 C  C   . VAL A 1 40 ? -3.592  4.608   -1.902  1.00 18.67 ? 40  VAL A C   1 
ATOM   288 O  O   . VAL A 1 40 ? -3.095  3.950   -2.826  1.00 18.57 ? 40  VAL A O   1 
ATOM   289 C  CB  . VAL A 1 40 ? -2.589  6.928   -1.767  1.00 20.63 ? 40  VAL A CB  1 
ATOM   290 C  CG1 . VAL A 1 40 ? -3.895  7.513   -2.307  1.00 22.37 ? 40  VAL A CG1 1 
ATOM   291 C  CG2 . VAL A 1 40 ? -1.931  7.953   -0.825  1.00 21.55 ? 40  VAL A CG2 1 
ATOM   292 N  N   . PHE A 1 41 ? -4.871  4.438   -1.580  1.00 18.11 ? 41  PHE A N   1 
ATOM   293 C  CA  . PHE A 1 41 ? -5.745  3.574   -2.396  1.00 18.78 ? 41  PHE A CA  1 
ATOM   294 C  C   . PHE A 1 41 ? -6.463  4.387   -3.457  1.00 21.88 ? 41  PHE A C   1 
ATOM   295 O  O   . PHE A 1 41 ? -6.908  5.517   -3.219  1.00 22.75 ? 41  PHE A O   1 
ATOM   296 C  CB  . PHE A 1 41 ? -6.740  2.808   -1.531  1.00 19.30 ? 41  PHE A CB  1 
ATOM   297 C  CG  . PHE A 1 41 ? -6.120  1.717   -0.715  1.00 18.01 ? 41  PHE A CG  1 
ATOM   298 C  CD1 . PHE A 1 41 ? -5.450  2.026   0.468   1.00 19.07 ? 41  PHE A CD1 1 
ATOM   299 C  CD2 . PHE A 1 41 ? -6.131  0.399   -1.143  1.00 19.28 ? 41  PHE A CD2 1 
ATOM   300 C  CE1 . PHE A 1 41 ? -4.893  1.047   1.253   1.00 19.66 ? 41  PHE A CE1 1 
ATOM   301 C  CE2 . PHE A 1 41 ? -5.524  -0.580  -0.371  1.00 18.46 ? 41  PHE A CE2 1 
ATOM   302 C  CZ  . PHE A 1 41 ? -4.896  -0.267  0.823   1.00 19.94 ? 41  PHE A CZ  1 
ATOM   303 N  N   . ASP A 1 42 ? -6.593  3.804   -4.646  1.00 21.63 ? 42  ASP A N   1 
ATOM   304 C  CA  . ASP A 1 42 ? -7.218  4.489   -5.766  1.00 25.10 ? 42  ASP A CA  1 
ATOM   305 C  C   . ASP A 1 42 ? -8.733  4.357   -5.666  1.00 26.51 ? 42  ASP A C   1 
ATOM   306 O  O   . ASP A 1 42 ? -9.231  3.241   -5.846  1.00 26.39 ? 42  ASP A O   1 
ATOM   307 C  CB  . ASP A 1 42 ? -6.730  3.830   -7.060  1.00 28.51 ? 42  ASP A CB  1 
ATOM   308 C  CG  . ASP A 1 42 ? -7.282  4.474   -8.315  1.00 31.43 ? 42  ASP A CG  1 
ATOM   309 O  OD1 . ASP A 1 42 ? -8.391  4.999   -8.293  1.00 32.81 ? 42  ASP A OD1 1 
ATOM   310 O  OD2 . ASP A 1 42 ? -6.589  4.446   -9.350  1.00 34.35 ? 42  ASP A OD2 1 
ATOM   311 N  N   . GLU A 1 43 ? -9.447  5.477   -5.545  1.00 29.04 ? 43  GLU A N   1 
ATOM   312 C  CA  . GLU A 1 43 ? -10.866 5.342   -5.184  1.00 32.36 ? 43  GLU A CA  1 
ATOM   313 C  C   . GLU A 1 43 ? -11.689 4.836   -6.360  1.00 33.31 ? 43  GLU A C   1 
ATOM   314 O  O   . GLU A 1 43 ? -12.732 4.217   -6.121  1.00 34.83 ? 43  GLU A O   1 
ATOM   315 C  CB  . GLU A 1 43 ? -11.437 6.592   -4.543  1.00 35.44 ? 43  GLU A CB  1 
ATOM   316 C  CG  . GLU A 1 43 ? -11.489 7.903   -5.279  1.00 39.47 ? 43  GLU A CG  1 
ATOM   317 C  CD  . GLU A 1 43 ? -12.191 9.003   -4.495  1.00 41.81 ? 43  GLU A CD  1 
ATOM   318 O  OE1 . GLU A 1 43 ? -12.462 8.872   -3.279  1.00 43.31 ? 43  GLU A OE1 1 
ATOM   319 O  OE2 . GLU A 1 43 ? -12.502 10.052  -5.103  1.00 44.22 ? 43  GLU A OE2 1 
ATOM   320 N  N   . ASP A 1 44 ? -11.180 4.872   -7.583  1.00 33.08 ? 44  ASP A N   1 
ATOM   321 C  CA  . ASP A 1 44 ? -11.841 4.235   -8.706  1.00 35.61 ? 44  ASP A CA  1 
ATOM   322 C  C   . ASP A 1 44 ? -11.636 2.740   -8.823  1.00 35.48 ? 44  ASP A C   1 
ATOM   323 O  O   . ASP A 1 44 ? -12.254 2.117   -9.701  1.00 35.56 ? 44  ASP A O   1 
ATOM   324 C  CB  . ASP A 1 44 ? -11.365 4.874   -10.026 1.00 38.73 ? 44  ASP A CB  1 
ATOM   325 C  CG  . ASP A 1 44 ? -11.970 6.270   -10.125 1.00 40.28 ? 44  ASP A CG  1 
ATOM   326 O  OD1 . ASP A 1 44 ? -13.130 6.409   -9.684  1.00 42.54 ? 44  ASP A OD1 1 
ATOM   327 O  OD2 . ASP A 1 44 ? -11.290 7.180   -10.617 1.00 42.21 ? 44  ASP A OD2 1 
ATOM   328 N  N   . GLU A 1 45 ? -10.670 2.176   -8.105  1.00 32.52 ? 45  GLU A N   1 
ATOM   329 C  CA  . GLU A 1 45 ? -10.305 0.779   -8.287  1.00 32.12 ? 45  GLU A CA  1 
ATOM   330 C  C   . GLU A 1 45 ? -10.346 0.017   -6.970  1.00 29.88 ? 45  GLU A C   1 
ATOM   331 O  O   . GLU A 1 45 ? -9.417  -0.762  -6.697  1.00 28.53 ? 45  GLU A O   1 
ATOM   332 C  CB  . GLU A 1 45 ? -8.891  0.662   -8.849  1.00 35.52 ? 45  GLU A CB  1 
ATOM   333 C  CG  . GLU A 1 45 ? -8.522  1.568   -9.998  1.00 40.42 ? 45  GLU A CG  1 
ATOM   334 C  CD  . GLU A 1 45 ? -8.585  0.850   -11.334 1.00 43.45 ? 45  GLU A CD  1 
ATOM   335 O  OE1 . GLU A 1 45 ? -9.594  0.164   -11.604 1.00 45.35 ? 45  GLU A OE1 1 
ATOM   336 O  OE2 . GLU A 1 45 ? -7.595  0.991   -12.082 1.00 45.44 ? 45  GLU A OE2 1 
ATOM   337 N  N   . ILE A 1 46 ? -11.356 0.265   -6.136  1.00 26.67 ? 46  ILE A N   1 
ATOM   338 C  CA  . ILE A 1 46 ? -11.553 -0.548  -4.927  1.00 25.23 ? 46  ILE A CA  1 
ATOM   339 C  C   . ILE A 1 46 ? -13.032 -0.938  -4.899  1.00 24.40 ? 46  ILE A C   1 
ATOM   340 O  O   . ILE A 1 46 ? -13.781 -0.366  -5.696  1.00 26.09 ? 46  ILE A O   1 
ATOM   341 C  CB  . ILE A 1 46 ? -11.181 0.210   -3.632  1.00 25.50 ? 46  ILE A CB  1 
ATOM   342 C  CG1 . ILE A 1 46 ? -11.970 1.509   -3.495  1.00 25.89 ? 46  ILE A CG1 1 
ATOM   343 C  CG2 . ILE A 1 46 ? -9.676  0.487   -3.540  1.00 25.52 ? 46  ILE A CG2 1 
ATOM   344 C  CD1 . ILE A 1 46 ? -11.697 2.332   -2.245  1.00 28.22 ? 46  ILE A CD1 1 
ATOM   345 N  N   . PRO A 1 47 ? -13.453 -1.832  -4.037  1.00 25.34 ? 47  PRO A N   1 
ATOM   346 C  CA  . PRO A 1 47 ? -14.854 -2.274  -4.026  1.00 25.69 ? 47  PRO A CA  1 
ATOM   347 C  C   . PRO A 1 47 ? -15.839 -1.163  -3.692  1.00 27.65 ? 47  PRO A C   1 
ATOM   348 O  O   . PRO A 1 47 ? -15.583 -0.158  -3.022  1.00 24.36 ? 47  PRO A O   1 
ATOM   349 C  CB  . PRO A 1 47 ? -14.880 -3.381  -2.977  1.00 25.50 ? 47  PRO A CB  1 
ATOM   350 C  CG  . PRO A 1 47 ? -13.473 -3.870  -2.840  1.00 25.59 ? 47  PRO A CG  1 
ATOM   351 C  CD  . PRO A 1 47 ? -12.613 -2.671  -3.159  1.00 25.67 ? 47  PRO A CD  1 
ATOM   352 N  N   . SER A 1 48 ? -17.086 -1.360  -4.185  1.00 30.90 ? 48  SER A N   1 
ATOM   353 C  CA  . SER A 1 48 ? -18.160 -0.402  -3.974  1.00 33.59 ? 48  SER A CA  1 
ATOM   354 C  C   . SER A 1 48 ? -18.413 -0.277  -2.485  1.00 32.62 ? 48  SER A C   1 
ATOM   355 O  O   . SER A 1 48 ? -18.335 -1.280  -1.773  1.00 35.32 ? 48  SER A O   1 
ATOM   356 C  CB  . SER A 1 48 ? -19.477 -0.876  -4.622  1.00 35.41 ? 48  SER A CB  1 
ATOM   357 O  OG  . SER A 1 48 ? -19.352 -0.903  -6.030  1.00 39.02 ? 48  SER A OG  1 
ATOM   358 N  N   . GLY A 1 49 ? -18.655 0.931   -1.999  1.00 33.24 ? 49  GLY A N   1 
ATOM   359 C  CA  . GLY A 1 49 ? -18.996 1.089   -0.582  1.00 32.15 ? 49  GLY A CA  1 
ATOM   360 C  C   . GLY A 1 49 ? -17.760 1.215   0.287   1.00 32.26 ? 49  GLY A C   1 
ATOM   361 O  O   . GLY A 1 49 ? -17.909 1.239   1.522   1.00 34.68 ? 49  GLY A O   1 
ATOM   362 N  N   . VAL A 1 50 ? -16.555 1.226   -0.309  1.00 26.55 ? 50  VAL A N   1 
ATOM   363 C  CA  . VAL A 1 50 ? -15.377 1.448   0.541   1.00 23.20 ? 50  VAL A CA  1 
ATOM   364 C  C   . VAL A 1 50 ? -14.963 2.902   0.393   1.00 19.90 ? 50  VAL A C   1 
ATOM   365 O  O   . VAL A 1 50 ? -14.837 3.383   -0.711  1.00 21.38 ? 50  VAL A O   1 
ATOM   366 C  CB  . VAL A 1 50 ? -14.223 0.504   0.177   1.00 23.61 ? 50  VAL A CB  1 
ATOM   367 C  CG1 . VAL A 1 50 ? -12.963 0.798   0.996   1.00 23.74 ? 50  VAL A CG1 1 
ATOM   368 C  CG2 . VAL A 1 50 ? -14.661 -0.941  0.357   1.00 23.44 ? 50  VAL A CG2 1 
ATOM   369 N  N   . ASP A 1 51 ? -14.722 3.591   1.487   1.00 20.19 ? 51  ASP A N   1 
ATOM   370 C  CA  . ASP A 1 51 ? -14.205 4.989   1.381   1.00 19.91 ? 51  ASP A CA  1 
ATOM   371 C  C   . ASP A 1 51 ? -12.671 4.971   1.388   1.00 18.03 ? 51  ASP A C   1 
ATOM   372 O  O   . ASP A 1 51 ? -12.076 4.606   2.412   1.00 18.85 ? 51  ASP A O   1 
ATOM   373 C  CB  . ASP A 1 51 ? -14.728 5.713   2.621   1.00 20.24 ? 51  ASP A CB  1 
ATOM   374 C  CG  . ASP A 1 51 ? -14.319 7.182   2.682   1.00 21.89 ? 51  ASP A CG  1 
ATOM   375 O  OD1 . ASP A 1 51 ? -13.586 7.694   1.820   1.00 22.15 ? 51  ASP A OD1 1 
ATOM   376 O  OD2 . ASP A 1 51 ? -14.742 7.800   3.683   1.00 24.45 ? 51  ASP A OD2 1 
ATOM   377 N  N   . ALA A 1 52 ? -12.074 5.400   0.277   1.00 17.69 ? 52  ALA A N   1 
ATOM   378 C  CA  . ALA A 1 52 ? -10.582 5.322   0.193   1.00 19.58 ? 52  ALA A CA  1 
ATOM   379 C  C   . ALA A 1 52 ? -9.937  6.226   1.211   1.00 19.72 ? 52  ALA A C   1 
ATOM   380 O  O   . ALA A 1 52 ? -8.808  5.956   1.669   1.00 20.08 ? 52  ALA A O   1 
ATOM   381 C  CB  . ALA A 1 52 ? -10.182 5.661   -1.234  1.00 20.75 ? 52  ALA A CB  1 
ATOM   382 N  N   . ALA A 1 53 ? -10.611 7.273   1.723   1.00 19.05 ? 53  ALA A N   1 
ATOM   383 C  CA  . ALA A 1 53 ? -10.009 8.175   2.676   1.00 20.71 ? 53  ALA A CA  1 
ATOM   384 C  C   . ALA A 1 53 ? -9.749  7.513   4.019   1.00 21.87 ? 53  ALA A C   1 
ATOM   385 O  O   . ALA A 1 53 ? -8.769  7.886   4.664   1.00 24.20 ? 53  ALA A O   1 
ATOM   386 C  CB  . ALA A 1 53 ? -10.881 9.413   2.895   1.00 23.10 ? 53  ALA A CB  1 
ATOM   387 N  N   . LYS A 1 54 ? -10.477 6.482   4.400   1.00 20.96 ? 54  LYS A N   1 
ATOM   388 C  CA  . LYS A 1 54 ? -10.266 5.835   5.685   1.00 23.29 ? 54  LYS A CA  1 
ATOM   389 C  C   . LYS A 1 54 ? -9.052  4.899   5.640   1.00 23.21 ? 54  LYS A C   1 
ATOM   390 O  O   . LYS A 1 54 ? -8.520  4.599   6.708   1.00 26.75 ? 54  LYS A O   1 
ATOM   391 C  CB  . LYS A 1 54 ? -11.506 5.067   6.126   1.00 25.76 ? 54  LYS A CB  1 
ATOM   392 C  CG  . LYS A 1 54 ? -12.661 6.054   6.325   1.00 31.11 ? 54  LYS A CG  1 
ATOM   393 C  CD  . LYS A 1 54 ? -13.980 5.349   6.598   1.00 34.29 ? 54  LYS A CD  1 
ATOM   394 C  CE  . LYS A 1 54 ? -14.204 5.216   8.106   1.00 36.48 ? 54  LYS A CE  1 
ATOM   395 N  NZ  . LYS A 1 54 ? -15.606 4.762   8.372   1.00 36.31 ? 54  LYS A NZ  1 
ATOM   396 N  N   . ILE A 1 55 ? -8.715  4.399   4.478   1.00 19.43 ? 55  ILE A N   1 
ATOM   397 C  CA  . ILE A 1 55 ? -7.664  3.365   4.429   1.00 19.75 ? 55  ILE A CA  1 
ATOM   398 C  C   . ILE A 1 55 ? -6.388  3.959   3.856   1.00 20.17 ? 55  ILE A C   1 
ATOM   399 O  O   . ILE A 1 55 ? -5.368  3.244   3.888   1.00 22.72 ? 55  ILE A O   1 
ATOM   400 C  CB  . ILE A 1 55 ? -8.113  2.120   3.648   1.00 20.00 ? 55  ILE A CB  1 
ATOM   401 C  CG1 . ILE A 1 55 ? -8.676  2.508   2.273   1.00 19.42 ? 55  ILE A CG1 1 
ATOM   402 C  CG2 . ILE A 1 55 ? -9.185  1.361   4.449   1.00 20.78 ? 55  ILE A CG2 1 
ATOM   403 C  CD1 . ILE A 1 55 ? -8.887  1.291   1.370   1.00 20.20 ? 55  ILE A CD1 1 
ATOM   404 N  N   . SER A 1 56 ? -6.397  5.171   3.307   1.00 19.04 ? 56  SER A N   1 
ATOM   405 C  CA  . SER A 1 56 ? -5.197  5.735   2.680   1.00 18.51 ? 56  SER A CA  1 
ATOM   406 C  C   . SER A 1 56 ? -4.446  6.554   3.707   1.00 17.74 ? 56  SER A C   1 
ATOM   407 O  O   . SER A 1 56 ? -5.057  7.129   4.630   1.00 17.60 ? 56  SER A O   1 
ATOM   408 C  CB  . SER A 1 56 ? -5.529  6.623   1.467   1.00 20.02 ? 56  SER A CB  1 
ATOM   409 O  OG  . SER A 1 56 ? -6.231  5.872   0.503   1.00 19.60 ? 56  SER A OG  1 
ATOM   410 N  N   . MET A 1 57 ? -3.120  6.679   3.538   1.00 17.61 ? 57  MET A N   1 
ATOM   411 C  CA  . MET A 1 57 ? -2.382  7.660   4.316   1.00 17.53 ? 57  MET A CA  1 
ATOM   412 C  C   . MET A 1 57 ? -2.778  9.091   3.976   1.00 17.76 ? 57  MET A C   1 
ATOM   413 O  O   . MET A 1 57 ? -3.177  9.418   2.844   1.00 20.51 ? 57  MET A O   1 
ATOM   414 C  CB  . MET A 1 57 ? -0.864  7.435   4.091   1.00 17.33 ? 57  MET A CB  1 
ATOM   415 C  CG  . MET A 1 57 ? -0.425  6.126   4.774   1.00 17.57 ? 57  MET A CG  1 
ATOM   416 S  SD  . MET A 1 57 ? 1.342   5.853   4.465   1.00 17.37 ? 57  MET A SD  1 
ATOM   417 C  CE  . MET A 1 57 ? 2.055   7.199   5.366   1.00 21.58 ? 57  MET A CE  1 
ATOM   418 N  N   . SER A 1 58 ? -2.624  9.982   4.941   1.00 19.45 ? 58  SER A N   1 
ATOM   419 C  CA  . SER A 1 58 ? -2.773  11.426  4.756   1.00 21.72 ? 58  SER A CA  1 
ATOM   420 C  C   . SER A 1 58 ? -1.784  11.890  3.706   1.00 24.55 ? 58  SER A C   1 
ATOM   421 O  O   . SER A 1 58 ? -0.678  11.329  3.632   1.00 24.07 ? 58  SER A O   1 
ATOM   422 C  CB  . SER A 1 58 ? -2.559  12.091  6.106   1.00 22.70 ? 58  SER A CB  1 
ATOM   423 O  OG  . SER A 1 58 ? -2.801  13.479  6.101   1.00 23.38 ? 58  SER A OG  1 
ATOM   424 N  N   . GLU A 1 59 ? -2.170  12.870  2.907   1.00 26.25 ? 59  GLU A N   1 
ATOM   425 C  CA  . GLU A 1 59 ? -1.375  13.273  1.736   1.00 30.19 ? 59  GLU A CA  1 
ATOM   426 C  C   . GLU A 1 59 ? -0.021  13.835  2.103   1.00 30.57 ? 59  GLU A C   1 
ATOM   427 O  O   . GLU A 1 59 ? 0.937   13.722  1.324   1.00 32.55 ? 59  GLU A O   1 
ATOM   428 C  CB  . GLU A 1 59 ? -2.179  14.330  0.954   1.00 32.97 ? 59  GLU A CB  1 
ATOM   429 C  CG  . GLU A 1 59 ? -1.477  15.073  -0.162  1.00 36.32 ? 59  GLU A CG  1 
ATOM   430 C  CD  . GLU A 1 59 ? -0.775  16.356  0.249   1.00 38.28 ? 59  GLU A CD  1 
ATOM   431 O  OE1 . GLU A 1 59 ? -0.985  16.928  1.340   1.00 38.31 ? 59  GLU A OE1 1 
ATOM   432 O  OE2 . GLU A 1 59 ? 0.069   16.825  -0.558  1.00 40.88 ? 59  GLU A OE2 1 
ATOM   433 N  N   . GLU A 1 60 ? 0.120   14.484  3.258   1.00 30.33 ? 60  GLU A N   1 
ATOM   434 C  CA  . GLU A 1 60 ? 1.425   15.061  3.587   1.00 32.49 ? 60  GLU A CA  1 
ATOM   435 C  C   . GLU A 1 60 ? 2.252   14.099  4.425   1.00 32.15 ? 60  GLU A C   1 
ATOM   436 O  O   . GLU A 1 60 ? 3.347   14.485  4.848   1.00 35.49 ? 60  GLU A O   1 
ATOM   437 C  CB  . GLU A 1 60 ? 1.291   16.399  4.287   1.00 33.72 ? 60  GLU A CB  1 
ATOM   438 C  CG  . GLU A 1 60 ? 0.992   16.439  5.752   1.00 35.18 ? 60  GLU A CG  1 
ATOM   439 C  CD  . GLU A 1 60 ? -0.088  15.495  6.230   1.00 35.66 ? 60  GLU A CD  1 
ATOM   440 O  OE1 . GLU A 1 60 ? -1.024  15.194  5.473   1.00 35.73 ? 60  GLU A OE1 1 
ATOM   441 O  OE2 . GLU A 1 60 ? 0.110   15.042  7.376   1.00 37.27 ? 60  GLU A OE2 1 
ATOM   442 N  N   . ASP A 1 61 ? 1.695   12.948  4.765   1.00 29.38 ? 61  ASP A N   1 
ATOM   443 C  CA  . ASP A 1 61 ? 2.412   12.017  5.651   1.00 28.93 ? 61  ASP A CA  1 
ATOM   444 C  C   . ASP A 1 61 ? 3.196   11.071  4.749   1.00 27.07 ? 61  ASP A C   1 
ATOM   445 O  O   . ASP A 1 61 ? 2.612   10.325  3.976   1.00 28.41 ? 61  ASP A O   1 
ATOM   446 C  CB  . ASP A 1 61 ? 1.413   11.272  6.527   1.00 29.73 ? 61  ASP A CB  1 
ATOM   447 C  CG  . ASP A 1 61 ? 2.073   10.318  7.497   1.00 33.04 ? 61  ASP A CG  1 
ATOM   448 O  OD1 . ASP A 1 61 ? 3.255   10.515  7.837   1.00 35.21 ? 61  ASP A OD1 1 
ATOM   449 O  OD2 . ASP A 1 61 ? 1.365   9.407   7.969   1.00 35.32 ? 61  ASP A OD2 1 
ATOM   450 N  N   . LEU A 1 62 ? 4.512   11.195  4.761   1.00 24.99 ? 62  LEU A N   1 
ATOM   451 C  CA  . LEU A 1 62 ? 5.359   10.315  3.957   1.00 23.15 ? 62  LEU A CA  1 
ATOM   452 C  C   . LEU A 1 62 ? 6.215   9.532   4.938   1.00 23.35 ? 62  LEU A C   1 
ATOM   453 O  O   . LEU A 1 62 ? 6.494   10.064  6.026   1.00 25.73 ? 62  LEU A O   1 
ATOM   454 C  CB  . LEU A 1 62 ? 6.162   11.173  2.974   1.00 24.74 ? 62  LEU A CB  1 
ATOM   455 C  CG  . LEU A 1 62 ? 5.412   11.842  1.824   1.00 26.39 ? 62  LEU A CG  1 
ATOM   456 C  CD1 . LEU A 1 62 ? 6.302   12.818  1.040   1.00 29.18 ? 62  LEU A CD1 1 
ATOM   457 C  CD2 . LEU A 1 62 ? 4.851   10.839  0.825   1.00 26.72 ? 62  LEU A CD2 1 
ATOM   458 N  N   . LEU A 1 63 ? 6.564   8.293   4.630   1.00 20.97 ? 63  LEU A N   1 
ATOM   459 C  CA  . LEU A 1 63 ? 7.504   7.544   5.467   1.00 20.09 ? 63  LEU A CA  1 
ATOM   460 C  C   . LEU A 1 63 ? 8.917   7.849   4.987   1.00 20.13 ? 63  LEU A C   1 
ATOM   461 O  O   . LEU A 1 63 ? 9.246   7.672   3.816   1.00 19.86 ? 63  LEU A O   1 
ATOM   462 C  CB  . LEU A 1 63 ? 7.186   6.035   5.394   1.00 21.95 ? 63  LEU A CB  1 
ATOM   463 C  CG  . LEU A 1 63 ? 5.714   5.694   5.707   1.00 23.37 ? 63  LEU A CG  1 
ATOM   464 C  CD1 . LEU A 1 63 ? 5.433   4.235   5.467   1.00 24.43 ? 63  LEU A CD1 1 
ATOM   465 C  CD2 . LEU A 1 63 ? 5.370   6.126   7.132   1.00 25.32 ? 63  LEU A CD2 1 
ATOM   466 N  N   . ASN A 1 64 ? 9.724   8.413   5.877   1.00 21.92 ? 64  ASN A N   1 
ATOM   467 C  CA  . ASN A 1 64 ? 11.031  8.939   5.467   1.00 24.24 ? 64  ASN A CA  1 
ATOM   468 C  C   . ASN A 1 64 ? 12.175  8.339   6.262   1.00 24.82 ? 64  ASN A C   1 
ATOM   469 O  O   . ASN A 1 64 ? 13.302  8.886   6.237   1.00 25.84 ? 64  ASN A O   1 
ATOM   470 C  CB  . ASN A 1 64 ? 11.088  10.453  5.682   1.00 28.81 ? 64  ASN A CB  1 
ATOM   471 C  CG  . ASN A 1 64 ? 10.020  11.306  5.057   1.00 31.67 ? 64  ASN A CG  1 
ATOM   472 O  OD1 . ASN A 1 64 ? 10.119  11.669  3.885   1.00 34.55 ? 64  ASN A OD1 1 
ATOM   473 N  ND2 . ASN A 1 64 ? 9.003   11.669  5.819   1.00 34.20 ? 64  ASN A ND2 1 
ATOM   474 N  N   . ALA A 1 65 ? 11.934  7.274   7.018   1.00 22.47 ? 65  ALA A N   1 
ATOM   475 C  CA  . ALA A 1 65 ? 13.041  6.578   7.697   1.00 21.94 ? 65  ALA A CA  1 
ATOM   476 C  C   . ALA A 1 65 ? 12.835  5.079   7.625   1.00 22.62 ? 65  ALA A C   1 
ATOM   477 O  O   . ALA A 1 65 ? 11.683  4.604   7.633   1.00 21.06 ? 65  ALA A O   1 
ATOM   478 C  CB  . ALA A 1 65 ? 13.087  7.048   9.163   1.00 24.75 ? 65  ALA A CB  1 
ATOM   479 N  N   . PRO A 1 66 ? 13.899  4.290   7.521   1.00 23.12 ? 66  PRO A N   1 
ATOM   480 C  CA  . PRO A 1 66 ? 13.817  2.848   7.515   1.00 22.47 ? 66  PRO A CA  1 
ATOM   481 C  C   . PRO A 1 66 ? 13.024  2.265   8.655   1.00 22.90 ? 66  PRO A C   1 
ATOM   482 O  O   . PRO A 1 66 ? 13.159  2.686   9.818   1.00 23.89 ? 66  PRO A O   1 
ATOM   483 C  CB  . PRO A 1 66 ? 15.278  2.377   7.626   1.00 24.52 ? 66  PRO A CB  1 
ATOM   484 C  CG  . PRO A 1 66 ? 16.129  3.555   7.373   1.00 25.44 ? 66  PRO A CG  1 
ATOM   485 C  CD  . PRO A 1 66 ? 15.307  4.794   7.610   1.00 24.71 ? 66  PRO A CD  1 
ATOM   486 N  N   . GLY A 1 67 ? 12.072  1.376   8.367   1.00 20.99 ? 67  GLY A N   1 
ATOM   487 C  CA  . GLY A 1 67 ? 11.418  0.580   9.389   1.00 19.76 ? 67  GLY A CA  1 
ATOM   488 C  C   . GLY A 1 67 ? 10.102  1.232   9.835   1.00 19.36 ? 67  GLY A C   1 
ATOM   489 O  O   . GLY A 1 67 ? 9.365   0.479   10.460  1.00 20.02 ? 67  GLY A O   1 
ATOM   490 N  N   . GLU A 1 68 ? 9.865   2.497   9.494   1.00 18.30 ? 68  GLU A N   1 
ATOM   491 C  CA  . GLU A 1 68 ? 8.545   3.064   9.813   1.00 19.51 ? 68  GLU A CA  1 
ATOM   492 C  C   . GLU A 1 68 ? 7.433   2.261   9.165   1.00 17.05 ? 68  GLU A C   1 
ATOM   493 O  O   . GLU A 1 68 ? 7.616   1.832   8.019   1.00 18.19 ? 68  GLU A O   1 
ATOM   494 C  CB  . GLU A 1 68 ? 8.474   4.491   9.225   1.00 22.17 ? 68  GLU A CB  1 
ATOM   495 C  CG  . GLU A 1 68 ? 9.348   5.437   10.085  1.00 23.73 ? 68  GLU A CG  1 
ATOM   496 C  CD  . GLU A 1 68 ? 9.386   6.829   9.523   1.00 25.79 ? 68  GLU A CD  1 
ATOM   497 O  OE1 . GLU A 1 68 ? 9.001   7.149   8.399   1.00 26.22 ? 68  GLU A OE1 1 
ATOM   498 O  OE2 . GLU A 1 68 ? 9.930   7.710   10.236  1.00 30.57 ? 68  GLU A OE2 1 
ATOM   499 N  N   . THR A 1 69 ? 6.275   2.104   9.772   1.00 16.84 ? 69  THR A N   1 
ATOM   500 C  CA  . THR A 1 69 ? 5.241   1.251   9.203   1.00 15.89 ? 69  THR A CA  1 
ATOM   501 C  C   . THR A 1 69 ? 3.919   2.014   9.059   1.00 17.43 ? 69  THR A C   1 
ATOM   502 O  O   . THR A 1 69 ? 3.678   2.990   9.783   1.00 19.16 ? 69  THR A O   1 
ATOM   503 C  CB  . THR A 1 69 ? 4.956   -0.001  10.042  1.00 19.56 ? 69  THR A CB  1 
ATOM   504 O  OG1 . THR A 1 69 ? 4.515   0.373   11.376  1.00 21.04 ? 69  THR A OG1 1 
ATOM   505 C  CG2 . THR A 1 69 ? 6.162   -0.906  10.149  1.00 21.41 ? 69  THR A CG2 1 
ATOM   506 N  N   . TYR A 1 70 ? 3.081   1.502   8.187   1.00 16.61 ? 70  TYR A N   1 
ATOM   507 C  CA  . TYR A 1 70 ? 1.676   1.916   8.085   1.00 15.30 ? 70  TYR A CA  1 
ATOM   508 C  C   . TYR A 1 70 ? 0.865   0.626   8.123   1.00 16.86 ? 70  TYR A C   1 
ATOM   509 O  O   . TYR A 1 70 ? 1.163   -0.298  7.328   1.00 18.48 ? 70  TYR A O   1 
ATOM   510 C  CB  . TYR A 1 70 ? 1.439   2.704   6.792   1.00 16.22 ? 70  TYR A CB  1 
ATOM   511 C  CG  . TYR A 1 70 ? -0.042  3.022   6.604   1.00 16.78 ? 70  TYR A CG  1 
ATOM   512 C  CD1 . TYR A 1 70 ? -0.698  3.762   7.590   1.00 19.81 ? 70  TYR A CD1 1 
ATOM   513 C  CD2 . TYR A 1 70 ? -0.748  2.613   5.499   1.00 18.42 ? 70  TYR A CD2 1 
ATOM   514 C  CE1 . TYR A 1 70 ? -2.057  4.058   7.486   1.00 21.30 ? 70  TYR A CE1 1 
ATOM   515 C  CE2 . TYR A 1 70 ? -2.094  2.914   5.350   1.00 19.26 ? 70  TYR A CE2 1 
ATOM   516 C  CZ  . TYR A 1 70 ? -2.711  3.644   6.347   1.00 22.75 ? 70  TYR A CZ  1 
ATOM   517 O  OH  . TYR A 1 70 ? -4.065  3.939   6.209   1.00 24.57 ? 70  TYR A OH  1 
ATOM   518 N  N   . LYS A 1 71 ? -0.111  0.525   8.997   1.00 16.05 ? 71  LYS A N   1 
ATOM   519 C  CA  . LYS A 1 71 ? -0.863  -0.733  9.148   1.00 16.91 ? 71  LYS A CA  1 
ATOM   520 C  C   . LYS A 1 71 ? -2.311  -0.460  8.771   1.00 17.74 ? 71  LYS A C   1 
ATOM   521 O  O   . LYS A 1 71 ? -2.858  0.564   9.209   1.00 18.74 ? 71  LYS A O   1 
ATOM   522 C  CB  . LYS A 1 71 ? -0.780  -1.320  10.558  1.00 19.23 ? 71  LYS A CB  1 
ATOM   523 C  CG  . LYS A 1 71 ? 0.656   -1.474  11.032  1.00 19.55 ? 71  LYS A CG  1 
ATOM   524 C  CD  . LYS A 1 71 ? 0.805   -2.224  12.358  1.00 21.08 ? 71  LYS A CD  1 
ATOM   525 C  CE  . LYS A 1 71 ? 2.291   -2.222  12.723  1.00 21.51 ? 71  LYS A CE  1 
ATOM   526 N  NZ  . LYS A 1 71 ? 2.498   -2.964  14.035  1.00 23.25 ? 71  LYS A NZ  1 
ATOM   527 N  N   . VAL A 1 72 ? -2.894  -1.356  7.984   1.00 17.53 ? 72  VAL A N   1 
ATOM   528 C  CA  . VAL A 1 72 ? -4.314  -1.158  7.600   1.00 18.16 ? 72  VAL A CA  1 
ATOM   529 C  C   . VAL A 1 72 ? -4.977  -2.518  7.500   1.00 18.50 ? 72  VAL A C   1 
ATOM   530 O  O   . VAL A 1 72 ? -4.302  -3.515  7.203   1.00 17.60 ? 72  VAL A O   1 
ATOM   531 C  CB  . VAL A 1 72 ? -4.396  -0.349  6.305   1.00 18.22 ? 72  VAL A CB  1 
ATOM   532 C  CG1 . VAL A 1 72 ? -3.780  -1.126  5.140   1.00 20.30 ? 72  VAL A CG1 1 
ATOM   533 C  CG2 . VAL A 1 72 ? -5.821  0.078   5.966   1.00 21.56 ? 72  VAL A CG2 1 
ATOM   534 N  N   . THR A 1 73 ? -6.281  -2.578  7.773   1.00 18.50 ? 73  THR A N   1 
ATOM   535 C  CA  . THR A 1 73 ? -7.019  -3.836  7.678   1.00 19.83 ? 73  THR A CA  1 
ATOM   536 C  C   . THR A 1 73 ? -8.211  -3.644  6.752   1.00 20.23 ? 73  THR A C   1 
ATOM   537 O  O   . THR A 1 73 ? -8.945  -2.661  6.894   1.00 22.23 ? 73  THR A O   1 
ATOM   538 C  CB  . THR A 1 73 ? -7.542  -4.295  9.061   1.00 22.93 ? 73  THR A CB  1 
ATOM   539 O  OG1 . THR A 1 73 ? -6.428  -4.624  9.873   1.00 24.50 ? 73  THR A OG1 1 
ATOM   540 C  CG2 . THR A 1 73 ? -8.458  -5.510  8.885   1.00 24.10 ? 73  THR A CG2 1 
ATOM   541 N  N   . LEU A 1 74 ? -8.381  -4.554  5.804   1.00 18.60 ? 74  LEU A N   1 
ATOM   542 C  CA  . LEU A 1 74 ? -9.416  -4.424  4.776   1.00 19.56 ? 74  LEU A CA  1 
ATOM   543 C  C   . LEU A 1 74 ? -10.472 -5.503  5.061   1.00 21.63 ? 74  LEU A C   1 
ATOM   544 O  O   . LEU A 1 74 ? -10.064 -6.586  5.501   1.00 21.64 ? 74  LEU A O   1 
ATOM   545 C  CB  . LEU A 1 74 ? -8.870  -4.615  3.358   1.00 21.18 ? 74  LEU A CB  1 
ATOM   546 C  CG  . LEU A 1 74 ? -7.774  -3.603  2.947   1.00 21.34 ? 74  LEU A CG  1 
ATOM   547 C  CD1 . LEU A 1 74 ? -7.247  -3.945  1.545   1.00 23.21 ? 74  LEU A CD1 1 
ATOM   548 C  CD2 . LEU A 1 74 ? -8.350  -2.196  2.993   1.00 22.26 ? 74  LEU A CD2 1 
ATOM   549 N  N   . THR A 1 75 ? -11.738 -5.137  4.951   1.00 21.73 ? 75  THR A N   1 
ATOM   550 C  CA  . THR A 1 75 ? -12.789 -6.134  5.225   1.00 23.72 ? 75  THR A CA  1 
ATOM   551 C  C   . THR A 1 75 ? -13.675 -6.411  4.030   1.00 24.08 ? 75  THR A C   1 
ATOM   552 O  O   . THR A 1 75 ? -14.122 -7.556  3.832   1.00 27.03 ? 75  THR A O   1 
ATOM   553 C  CB  . THR A 1 75 ? -13.658 -5.678  6.428   1.00 23.22 ? 75  THR A CB  1 
ATOM   554 O  OG1 . THR A 1 75 ? -14.156 -4.375  6.144   1.00 24.88 ? 75  THR A OG1 1 
ATOM   555 C  CG2 . THR A 1 75 ? -12.811 -5.602  7.680   1.00 24.44 ? 75  THR A CG2 1 
ATOM   556 N  N   . GLU A 1 76 ? -13.962 -5.433  3.198   1.00 24.11 ? 76  GLU A N   1 
ATOM   557 C  CA  . GLU A 1 76 ? -14.876 -5.635  2.062   1.00 26.73 ? 76  GLU A CA  1 
ATOM   558 C  C   . GLU A 1 76 ? -14.146 -6.489  1.036   1.00 27.60 ? 76  GLU A C   1 
ATOM   559 O  O   . GLU A 1 76 ? -13.011 -6.178  0.662   1.00 25.31 ? 76  GLU A O   1 
ATOM   560 C  CB  . GLU A 1 76 ? -15.326 -4.293  1.527   1.00 29.41 ? 76  GLU A CB  1 
ATOM   561 C  CG  . GLU A 1 76 ? -16.388 -4.232  0.451   1.00 34.28 ? 76  GLU A CG  1 
ATOM   562 C  CD  . GLU A 1 76 ? -17.734 -4.809  0.840   1.00 37.04 ? 76  GLU A CD  1 
ATOM   563 O  OE1 . GLU A 1 76 ? -17.908 -5.254  1.996   1.00 37.66 ? 76  GLU A OE1 1 
ATOM   564 O  OE2 . GLU A 1 76 ? -18.617 -4.886  -0.049  1.00 39.73 ? 76  GLU A OE2 1 
ATOM   565 N  N   . LYS A 1 77 ? -14.779 -7.586  0.605   1.00 26.62 ? 77  LYS A N   1 
ATOM   566 C  CA  . LYS A 1 77 ? -14.123 -8.484  -0.338  1.00 27.61 ? 77  LYS A CA  1 
ATOM   567 C  C   . LYS A 1 77 ? -13.933 -7.866  -1.704  1.00 25.48 ? 77  LYS A C   1 
ATOM   568 O  O   . LYS A 1 77 ? -14.754 -7.056  -2.106  1.00 25.06 ? 77  LYS A O   1 
ATOM   569 C  CB  . LYS A 1 77 ? -14.996 -9.749  -0.520  1.00 30.04 ? 77  LYS A CB  1 
ATOM   570 C  CG  . LYS A 1 77 ? -14.624 -10.862 0.442   1.00 34.09 ? 77  LYS A CG  1 
ATOM   571 C  CD  . LYS A 1 77 ? -15.178 -12.206 -0.069  1.00 37.77 ? 77  LYS A CD  1 
ATOM   572 C  CE  . LYS A 1 77 ? -14.504 -12.567 -1.389  1.00 40.45 ? 77  LYS A CE  1 
ATOM   573 N  NZ  . LYS A 1 77 ? -14.499 -14.023 -1.717  1.00 41.90 ? 77  LYS A NZ  1 
ATOM   574 N  N   . GLY A 1 78 ? -12.879 -8.262  -2.434  1.00 25.47 ? 78  GLY A N   1 
ATOM   575 C  CA  . GLY A 1 78 ? -12.715 -7.690  -3.776  1.00 24.65 ? 78  GLY A CA  1 
ATOM   576 C  C   . GLY A 1 78 ? -11.247 -7.327  -4.019  1.00 24.43 ? 78  GLY A C   1 
ATOM   577 O  O   . GLY A 1 78 ? -10.396 -7.551  -3.153  1.00 25.92 ? 78  GLY A O   1 
ATOM   578 N  N   . THR A 1 79 ? -11.039 -6.638  -5.132  1.00 24.32 ? 79  THR A N   1 
ATOM   579 C  CA  . THR A 1 79 ? -9.667  -6.222  -5.461  1.00 25.11 ? 79  THR A CA  1 
ATOM   580 C  C   . THR A 1 79 ? -9.498  -4.727  -5.266  1.00 23.40 ? 79  THR A C   1 
ATOM   581 O  O   . THR A 1 79 ? -10.402 -3.910  -5.429  1.00 23.37 ? 79  THR A O   1 
ATOM   582 C  CB  . THR A 1 79 ? -9.270  -6.568  -6.899  1.00 27.96 ? 79  THR A CB  1 
ATOM   583 O  OG1 . THR A 1 79 ? -9.984  -5.675  -7.760  1.00 33.43 ? 79  THR A OG1 1 
ATOM   584 C  CG2 . THR A 1 79 ? -9.659  -8.003  -7.187  1.00 27.62 ? 79  THR A CG2 1 
ATOM   585 N  N   . TYR A 1 80 ? -8.320  -4.383  -4.719  1.00 21.77 ? 80  TYR A N   1 
ATOM   586 C  CA  . TYR A 1 80 ? -7.964  -3.029  -4.372  1.00 20.41 ? 80  TYR A CA  1 
ATOM   587 C  C   . TYR A 1 80 ? -6.615  -2.666  -5.018  1.00 20.49 ? 80  TYR A C   1 
ATOM   588 O  O   . TYR A 1 80 ? -5.610  -3.356  -4.814  1.00 22.49 ? 80  TYR A O   1 
ATOM   589 C  CB  . TYR A 1 80 ? -7.778  -2.859  -2.864  1.00 20.22 ? 80  TYR A CB  1 
ATOM   590 C  CG  . TYR A 1 80 ? -8.906  -3.133  -1.914  1.00 19.49 ? 80  TYR A CG  1 
ATOM   591 C  CD1 . TYR A 1 80 ? -9.451  -4.404  -1.756  1.00 19.87 ? 80  TYR A CD1 1 
ATOM   592 C  CD2 . TYR A 1 80 ? -9.411  -2.096  -1.129  1.00 19.55 ? 80  TYR A CD2 1 
ATOM   593 C  CE1 . TYR A 1 80 ? -10.487 -4.624  -0.850  1.00 20.86 ? 80  TYR A CE1 1 
ATOM   594 C  CE2 . TYR A 1 80 ? -10.432 -2.299  -0.223  1.00 20.41 ? 80  TYR A CE2 1 
ATOM   595 C  CZ  . TYR A 1 80 ? -10.963 -3.572  -0.098  1.00 21.08 ? 80  TYR A CZ  1 
ATOM   596 O  OH  . TYR A 1 80 ? -11.971 -3.790  0.808   1.00 22.13 ? 80  TYR A OH  1 
ATOM   597 N  N   . LYS A 1 81 ? -6.622  -1.592  -5.768  1.00 20.30 ? 81  LYS A N   1 
ATOM   598 C  CA  . LYS A 1 81 ? -5.403  -1.004  -6.306  1.00 21.21 ? 81  LYS A CA  1 
ATOM   599 C  C   . LYS A 1 81 ? -4.879  0.081   -5.390  1.00 19.78 ? 81  LYS A C   1 
ATOM   600 O  O   . LYS A 1 81 ? -5.629  0.946   -4.971  1.00 20.79 ? 81  LYS A O   1 
ATOM   601 C  CB  . LYS A 1 81 ? -5.683  -0.419  -7.699  1.00 25.49 ? 81  LYS A CB  1 
ATOM   602 C  CG  . LYS A 1 81 ? -4.571  0.509   -8.195  1.00 30.50 ? 81  LYS A CG  1 
ATOM   603 C  CD  . LYS A 1 81 ? -4.782  0.826   -9.685  1.00 33.00 ? 81  LYS A CD  1 
ATOM   604 C  CE  . LYS A 1 81 ? -4.345  2.263   -9.953  1.00 35.74 ? 81  LYS A CE  1 
ATOM   605 N  NZ  . LYS A 1 81 ? -2.875  2.407   -9.731  1.00 38.78 ? 81  LYS A NZ  1 
ATOM   606 N  N   . PHE A 1 82 ? -3.566  0.066   -5.096  1.00 18.54 ? 82  PHE A N   1 
ATOM   607 C  CA  . PHE A 1 82 ? -2.990  1.151   -4.330  1.00 17.70 ? 82  PHE A CA  1 
ATOM   608 C  C   . PHE A 1 82 ? -1.665  1.578   -4.961  1.00 18.29 ? 82  PHE A C   1 
ATOM   609 O  O   . PHE A 1 82 ? -1.135  0.850   -5.811  1.00 19.82 ? 82  PHE A O   1 
ATOM   610 C  CB  . PHE A 1 82 ? -2.780  0.683   -2.891  1.00 17.59 ? 82  PHE A CB  1 
ATOM   611 C  CG  . PHE A 1 82 ? -1.949  -0.544  -2.722  1.00 18.28 ? 82  PHE A CG  1 
ATOM   612 C  CD1 . PHE A 1 82 ? -0.562  -0.451  -2.593  1.00 19.82 ? 82  PHE A CD1 1 
ATOM   613 C  CD2 . PHE A 1 82 ? -2.528  -1.807  -2.681  1.00 19.52 ? 82  PHE A CD2 1 
ATOM   614 C  CE1 . PHE A 1 82 ? 0.200   -1.591  -2.428  1.00 20.44 ? 82  PHE A CE1 1 
ATOM   615 C  CE2 . PHE A 1 82 ? -1.768  -2.945  -2.499  1.00 21.58 ? 82  PHE A CE2 1 
ATOM   616 C  CZ  . PHE A 1 82 ? -0.387  -2.832  -2.376  1.00 20.27 ? 82  PHE A CZ  1 
ATOM   617 N  N   . TYR A 1 83 ? -1.148  2.706   -4.508  1.00 17.75 ? 83  TYR A N   1 
ATOM   618 C  CA  . TYR A 1 83 ? 0.112   3.169   -5.077  1.00 18.90 ? 83  TYR A CA  1 
ATOM   619 C  C   . TYR A 1 83 ? 0.854   4.031   -4.065  1.00 19.39 ? 83  TYR A C   1 
ATOM   620 O  O   . TYR A 1 83 ? 0.314   4.469   -3.053  1.00 18.81 ? 83  TYR A O   1 
ATOM   621 C  CB  . TYR A 1 83 ? -0.112  3.976   -6.373  1.00 20.77 ? 83  TYR A CB  1 
ATOM   622 C  CG  . TYR A 1 83 ? -1.086  5.119   -6.204  1.00 22.34 ? 83  TYR A CG  1 
ATOM   623 C  CD1 . TYR A 1 83 ? -2.456  4.919   -6.385  1.00 24.79 ? 83  TYR A CD1 1 
ATOM   624 C  CD2 . TYR A 1 83 ? -0.644  6.383   -5.861  1.00 25.03 ? 83  TYR A CD2 1 
ATOM   625 C  CE1 . TYR A 1 83 ? -3.346  5.976   -6.222  1.00 26.31 ? 83  TYR A CE1 1 
ATOM   626 C  CE2 . TYR A 1 83 ? -1.517  7.449   -5.702  1.00 26.56 ? 83  TYR A CE2 1 
ATOM   627 C  CZ  . TYR A 1 83 ? -2.870  7.223   -5.884  1.00 27.07 ? 83  TYR A CZ  1 
ATOM   628 O  OH  . TYR A 1 83 ? -3.738  8.287   -5.728  1.00 29.87 ? 83  TYR A OH  1 
ATOM   629 N  N   . CYS A 1 84 ? 2.135   4.258   -4.409  1.00 17.98 ? 84  CYS A N   1 
ATOM   630 C  CA  . CYS A 1 84 ? 2.945   5.216   -3.678  1.00 18.48 ? 84  CYS A CA  1 
ATOM   631 C  C   . CYS A 1 84 ? 2.928   6.559   -4.418  1.00 20.85 ? 84  CYS A C   1 
ATOM   632 O  O   . CYS A 1 84 ? 3.440   6.633   -5.530  1.00 22.77 ? 84  CYS A O   1 
ATOM   633 C  CB  . CYS A 1 84 ? 4.392   4.699   -3.595  1.00 17.93 ? 84  CYS A CB  1 
ATOM   634 S  SG  . CYS A 1 84 ? 5.435   5.957   -2.849  1.00 17.44 ? 84  CYS A SG  1 
ATOM   635 N  N   . SER A 1 85 ? 2.401   7.594   -3.796  1.00 24.05 ? 85  SER A N   1 
ATOM   636 C  CA  . SER A 1 85 ? 2.168   8.863   -4.487  1.00 27.33 ? 85  SER A CA  1 
ATOM   637 C  C   . SER A 1 85 ? 3.339   9.491   -5.204  1.00 26.38 ? 85  SER A C   1 
ATOM   638 O  O   . SER A 1 85 ? 3.322   9.650   -6.437  1.00 26.98 ? 85  SER A O   1 
ATOM   639 C  CB  . SER A 1 85 ? 1.553   9.824   -3.441  1.00 29.21 ? 85  SER A CB  1 
ATOM   640 O  OG  . SER A 1 85 ? 0.839   10.795  -4.172  1.00 36.12 ? 85  SER A OG  1 
ATOM   641 N  N   . PRO A 1 86 ? 4.487   9.668   -4.547  1.00 26.98 ? 86  PRO A N   1 
ATOM   642 C  CA  . PRO A 1 86 ? 5.693   10.171  -5.193  1.00 26.87 ? 86  PRO A CA  1 
ATOM   643 C  C   . PRO A 1 86 ? 6.237   9.321   -6.304  1.00 27.09 ? 86  PRO A C   1 
ATOM   644 O  O   . PRO A 1 86 ? 6.902   9.814   -7.229  1.00 28.53 ? 86  PRO A O   1 
ATOM   645 C  CB  . PRO A 1 86 ? 6.702   10.318  -4.054  1.00 28.15 ? 86  PRO A CB  1 
ATOM   646 C  CG  . PRO A 1 86 ? 6.141   9.601   -2.885  1.00 27.25 ? 86  PRO A CG  1 
ATOM   647 C  CD  . PRO A 1 86 ? 4.637   9.563   -3.076  1.00 25.95 ? 86  PRO A CD  1 
ATOM   648 N  N   . HIS A 1 87 ? 6.010   8.008   -6.327  1.00 25.21 ? 87  HIS A N   1 
ATOM   649 C  CA  . HIS A 1 87 ? 6.612   7.071   -7.248  1.00 23.57 ? 87  HIS A CA  1 
ATOM   650 C  C   . HIS A 1 87 ? 5.609   6.415   -8.165  1.00 24.62 ? 87  HIS A C   1 
ATOM   651 O  O   . HIS A 1 87 ? 5.909   5.422   -8.818  1.00 24.70 ? 87  HIS A O   1 
ATOM   652 C  CB  . HIS A 1 87 ? 7.366   5.970   -6.448  1.00 22.75 ? 87  HIS A CB  1 
ATOM   653 C  CG  . HIS A 1 87 ? 8.501   6.572   -5.665  1.00 21.88 ? 87  HIS A CG  1 
ATOM   654 N  ND1 . HIS A 1 87 ? 8.696   6.321   -4.340  1.00 20.46 ? 87  HIS A ND1 1 
ATOM   655 C  CD2 . HIS A 1 87 ? 9.490   7.432   -6.053  1.00 20.99 ? 87  HIS A CD2 1 
ATOM   656 C  CE1 . HIS A 1 87 ? 9.770   6.991   -3.930  1.00 20.44 ? 87  HIS A CE1 1 
ATOM   657 N  NE2 . HIS A 1 87 ? 10.267  7.694   -4.945  1.00 19.95 ? 87  HIS A NE2 1 
ATOM   658 N  N   . GLN A 1 88 ? 4.399   6.985   -8.251  1.00 27.58 ? 88  GLN A N   1 
ATOM   659 C  CA  . GLN A 1 88 ? 3.360   6.326   -9.031  1.00 31.30 ? 88  GLN A CA  1 
ATOM   660 C  C   . GLN A 1 88 ? 3.704   6.292   -10.517 1.00 31.55 ? 88  GLN A C   1 
ATOM   661 O  O   . GLN A 1 88 ? 3.513   5.259   -11.152 1.00 33.24 ? 88  GLN A O   1 
ATOM   662 C  CB  . GLN A 1 88 ? 1.989   6.981   -8.805  1.00 33.84 ? 88  GLN A CB  1 
ATOM   663 C  CG  . GLN A 1 88 ? 0.888   6.177   -9.513  1.00 36.22 ? 88  GLN A CG  1 
ATOM   664 C  CD  . GLN A 1 88 ? -0.411  6.950   -9.561  1.00 38.18 ? 88  GLN A CD  1 
ATOM   665 O  OE1 . GLN A 1 88 ? -1.505  6.389   -9.648  1.00 40.08 ? 88  GLN A OE1 1 
ATOM   666 N  NE2 . GLN A 1 88 ? -0.324  8.273   -9.518  1.00 40.09 ? 88  GLN A NE2 1 
ATOM   667 N  N   . GLY A 1 89 ? 4.247   7.365   -11.075 1.00 33.01 ? 89  GLY A N   1 
ATOM   668 C  CA  . GLY A 1 89 ? 4.771   7.397   -12.427 1.00 34.04 ? 89  GLY A CA  1 
ATOM   669 C  C   . GLY A 1 89 ? 5.929   6.454   -12.680 1.00 34.93 ? 89  GLY A C   1 
ATOM   670 O  O   . GLY A 1 89 ? 6.100   5.986   -13.823 1.00 36.73 ? 89  GLY A O   1 
ATOM   671 N  N   . ALA A 1 90 ? 6.715   6.079   -11.665 1.00 33.72 ? 90  ALA A N   1 
ATOM   672 C  CA  . ALA A 1 90 ? 7.780   5.107   -11.835 1.00 32.18 ? 90  ALA A CA  1 
ATOM   673 C  C   . ALA A 1 90 ? 7.334   3.658   -11.695 1.00 31.18 ? 90  ALA A C   1 
ATOM   674 O  O   . ALA A 1 90 ? 8.178   2.767   -11.745 1.00 32.33 ? 90  ALA A O   1 
ATOM   675 C  CB  . ALA A 1 90 ? 8.905   5.343   -10.826 1.00 32.60 ? 90  ALA A CB  1 
ATOM   676 N  N   . GLY A 1 91 ? 6.052   3.370   -11.498 1.00 30.66 ? 91  GLY A N   1 
ATOM   677 C  CA  . GLY A 1 91 ? 5.574   1.989   -11.500 1.00 26.86 ? 91  GLY A CA  1 
ATOM   678 C  C   . GLY A 1 91 ? 5.376   1.463   -10.079 1.00 23.54 ? 91  GLY A C   1 
ATOM   679 O  O   . GLY A 1 91 ? 5.151   0.253   -9.913  1.00 23.41 ? 91  GLY A O   1 
ATOM   680 N  N   . MET A 1 92 ? 5.394   2.357   -9.085  1.00 21.51 ? 92  MET A N   1 
ATOM   681 C  CA  . MET A 1 92 ? 5.274   1.817   -7.715  1.00 19.89 ? 92  MET A CA  1 
ATOM   682 C  C   . MET A 1 92 ? 3.797   1.717   -7.344  1.00 18.80 ? 92  MET A C   1 
ATOM   683 O  O   . MET A 1 92 ? 3.215   2.613   -6.733  1.00 19.87 ? 92  MET A O   1 
ATOM   684 C  CB  . MET A 1 92 ? 6.044   2.647   -6.706  1.00 18.47 ? 92  MET A CB  1 
ATOM   685 C  CG  . MET A 1 92 ? 6.232   1.906   -5.383  1.00 18.75 ? 92  MET A CG  1 
ATOM   686 S  SD  . MET A 1 92 ? 7.376   2.709   -4.267  1.00 18.28 ? 92  MET A SD  1 
ATOM   687 C  CE  . MET A 1 92 ? 7.147   1.738   -2.782  1.00 20.34 ? 92  MET A CE  1 
ATOM   688 N  N   . VAL A 1 93 ? 3.192   0.634   -7.764  1.00 19.93 ? 93  VAL A N   1 
ATOM   689 C  CA  . VAL A 1 93 ? 1.751   0.407   -7.671  1.00 19.97 ? 93  VAL A CA  1 
ATOM   690 C  C   . VAL A 1 93 ? 1.553   -1.032  -7.226  1.00 20.20 ? 93  VAL A C   1 
ATOM   691 O  O   . VAL A 1 93 ? 2.406   -1.906  -7.512  1.00 21.08 ? 93  VAL A O   1 
ATOM   692 C  CB  . VAL A 1 93 ? 1.029   0.669   -9.003  1.00 21.54 ? 93  VAL A CB  1 
ATOM   693 C  CG1 . VAL A 1 93 ? 1.239   2.082   -9.547  1.00 22.97 ? 93  VAL A CG1 1 
ATOM   694 C  CG2 . VAL A 1 93 ? 1.419   -0.385  -10.037 1.00 24.47 ? 93  VAL A CG2 1 
ATOM   695 N  N   . GLY A 1 94 ? 0.443   -1.369  -6.567  1.00 18.73 ? 94  GLY A N   1 
ATOM   696 C  CA  . GLY A 1 94 ? 0.250   -2.776  -6.201  1.00 19.27 ? 94  GLY A CA  1 
ATOM   697 C  C   . GLY A 1 94 ? -1.253  -3.107  -6.148  1.00 19.56 ? 94  GLY A C   1 
ATOM   698 O  O   . GLY A 1 94 ? -2.047  -2.199  -6.369  1.00 20.51 ? 94  GLY A O   1 
ATOM   699 N  N   . LYS A 1 95 ? -1.501  -4.392  -5.950  1.00 20.27 ? 95  LYS A N   1 
ATOM   700 C  CA  . LYS A 1 95 ? -2.910  -4.808  -5.927  1.00 22.09 ? 95  LYS A CA  1 
ATOM   701 C  C   . LYS A 1 95 ? -3.088  -5.847  -4.853  1.00 21.79 ? 95  LYS A C   1 
ATOM   702 O  O   . LYS A 1 95 ? -2.245  -6.748  -4.698  1.00 22.38 ? 95  LYS A O   1 
ATOM   703 C  CB  . LYS A 1 95 ? -3.255  -5.275  -7.337  1.00 26.85 ? 95  LYS A CB  1 
ATOM   704 C  CG  . LYS A 1 95 ? -4.578  -5.944  -7.602  1.00 31.31 ? 95  LYS A CG  1 
ATOM   705 C  CD  . LYS A 1 95 ? -4.903  -5.778  -9.095  1.00 35.60 ? 95  LYS A CD  1 
ATOM   706 C  CE  . LYS A 1 95 ? -5.726  -6.955  -9.599  1.00 38.82 ? 95  LYS A CE  1 
ATOM   707 N  NZ  . LYS A 1 95 ? -4.865  -8.013  -10.213 1.00 41.67 ? 95  LYS A NZ  1 
ATOM   708 N  N   . VAL A 1 96 ? -4.161  -5.727  -4.052  1.00 18.90 ? 96  VAL A N   1 
ATOM   709 C  CA  . VAL A 1 96 ? -4.424  -6.749  -3.032  1.00 19.77 ? 96  VAL A CA  1 
ATOM   710 C  C   . VAL A 1 96 ? -5.846  -7.269  -3.274  1.00 20.29 ? 96  VAL A C   1 
ATOM   711 O  O   . VAL A 1 96 ? -6.739  -6.483  -3.558  1.00 22.01 ? 96  VAL A O   1 
ATOM   712 C  CB  . VAL A 1 96 ? -4.218  -6.260  -1.589  1.00 19.97 ? 96  VAL A CB  1 
ATOM   713 C  CG1 . VAL A 1 96 ? -4.978  -4.950  -1.342  1.00 21.63 ? 96  VAL A CG1 1 
ATOM   714 C  CG2 . VAL A 1 96 ? -4.686  -7.283  -0.554  1.00 21.51 ? 96  VAL A CG2 1 
ATOM   715 N  N   . THR A 1 97 ? -5.988  -8.586  -3.284  1.00 21.96 ? 97  THR A N   1 
ATOM   716 C  CA  . THR A 1 97 ? -7.319  -9.187  -3.361  1.00 23.10 ? 97  THR A CA  1 
ATOM   717 C  C   . THR A 1 97 ? -7.710  -9.654  -1.971  1.00 21.94 ? 97  THR A C   1 
ATOM   718 O  O   . THR A 1 97 ? -6.985  -10.401 -1.334  1.00 22.78 ? 97  THR A O   1 
ATOM   719 C  CB  . THR A 1 97 ? -7.346  -10.350 -4.378  1.00 23.99 ? 97  THR A CB  1 
ATOM   720 O  OG1 . THR A 1 97 ? -6.991  -9.811  -5.652  1.00 25.49 ? 97  THR A OG1 1 
ATOM   721 C  CG2 . THR A 1 97 ? -8.770  -10.899 -4.442  1.00 24.64 ? 97  THR A CG2 1 
ATOM   722 N  N   . VAL A 1 98 ? -8.891  -9.233  -1.508  1.00 22.93 ? 98  VAL A N   1 
ATOM   723 C  CA  . VAL A 1 98 ? -9.424  -9.622  -0.216  1.00 22.91 ? 98  VAL A CA  1 
ATOM   724 C  C   . VAL A 1 98 ? -10.527 -10.684 -0.387  1.00 25.41 ? 98  VAL A C   1 
ATOM   725 O  O   . VAL A 1 98 ? -11.431 -10.483 -1.212  1.00 25.74 ? 98  VAL A O   1 
ATOM   726 C  CB  . VAL A 1 98 ? -10.003 -8.399  0.527   1.00 22.90 ? 98  VAL A CB  1 
ATOM   727 C  CG1 . VAL A 1 98 ? -10.724 -8.770  1.807   1.00 22.09 ? 98  VAL A CG1 1 
ATOM   728 C  CG2 . VAL A 1 98 ? -8.860  -7.381  0.749   1.00 21.83 ? 98  VAL A CG2 1 
ATOM   729 N  N   . ASN A 1 99 ? -10.331 -11.832 0.243   1.00 27.43 ? 99  ASN A N   1 
ATOM   730 C  CA  . ASN A 1 99 ? -11.377 -12.859 0.098   1.00 32.71 ? 99  ASN A CA  1 
ATOM   731 C  C   . ASN A 1 99 ? -11.889 -13.394 1.419   1.00 34.35 ? 99  ASN A C   1 
ATOM   732 O  O   . ASN A 1 99 ? -12.810 -14.265 1.383   1.00 36.79 ? 99  ASN A O   1 
ATOM   733 C  CB  . ASN A 1 99 ? -10.887 -13.954 -0.841  1.00 35.19 ? 99  ASN A CB  1 
ATOM   734 C  CG  . ASN A 1 99 ? -9.588  -14.579 -0.401  1.00 37.41 ? 99  ASN A CG  1 
ATOM   735 O  OD1 . ASN A 1 99 ? -8.658  -14.749 -1.202  1.00 39.56 ? 99  ASN A OD1 1 
ATOM   736 N  ND2 . ASN A 1 99 ? -9.550  -14.893 0.888   1.00 39.05 ? 99  ASN A ND2 1 
ATOM   737 O  OXT . ASN A 1 99 ? -11.460 -12.990 2.514   1.00 33.46 ? 99  ASN A OXT 1 
HETATM 738 CU CU  . CU  B 2 .  ? 7.478   5.334   -3.080  1.00 24.38 ? 200 CU  A CU  1 
HETATM 739 O  O   . HOH C 3 .  ? 7.246   -8.841  2.310   1.00 21.27 ? 201 HOH A O   1 
HETATM 740 O  O   . HOH C 3 .  ? 15.642  -5.878  -2.641  1.00 22.24 ? 202 HOH A O   1 
HETATM 741 O  O   . HOH C 3 .  ? -4.814  -2.549  10.943  1.00 33.32 ? 203 HOH A O   1 
HETATM 742 O  O   . HOH C 3 .  ? 12.980  -5.252  -6.358  1.00 35.97 ? 204 HOH A O   1 
HETATM 743 O  O   . HOH C 3 .  ? 5.139   -2.324  -7.047  1.00 24.34 ? 205 HOH A O   1 
HETATM 744 O  O   . HOH C 3 .  ? -12.458 -2.705  3.460   1.00 22.66 ? 206 HOH A O   1 
HETATM 745 O  O   . HOH C 3 .  ? -7.463  -0.414  9.326   1.00 35.62 ? 207 HOH A O   1 
HETATM 746 O  O   . HOH C 3 .  ? 15.763  -5.062  -7.999  1.00 23.94 ? 208 HOH A O   1 
HETATM 747 O  O   . HOH C 3 .  ? 12.890  0.890   -9.614  1.00 33.89 ? 209 HOH A O   1 
HETATM 748 O  O   . HOH C 3 .  ? 19.853  1.150   -1.285  1.00 37.30 ? 210 HOH A O   1 
HETATM 749 O  O   . HOH C 3 .  ? 15.938  8.562   6.914   1.00 37.40 ? 211 HOH A O   1 
HETATM 750 O  O   . HOH C 3 .  ? 17.234  4.546   0.674   1.00 35.52 ? 212 HOH A O   1 
HETATM 751 O  O   . HOH C 3 .  ? 6.323   2.573   12.940  1.00 27.05 ? 213 HOH A O   1 
HETATM 752 O  O   . HOH C 3 .  ? 2.141   -5.737  13.448  1.00 39.57 ? 214 HOH A O   1 
HETATM 753 O  O   . HOH C 3 .  ? 17.033  -2.928  4.077   1.00 47.24 ? 215 HOH A O   1 
HETATM 754 O  O   . HOH C 3 .  ? -4.139  -9.468  -5.755  1.00 37.34 ? 216 HOH A O   1 
HETATM 755 O  O   . HOH C 3 .  ? -1.000  12.008  -1.912  1.00 49.22 ? 217 HOH A O   1 
HETATM 756 O  O   . HOH C 3 .  ? 7.320   8.601   -10.330 1.00 45.27 ? 218 HOH A O   1 
HETATM 757 O  O   . HOH C 3 .  ? 4.473   10.306  -9.239  1.00 42.42 ? 219 HOH A O   1 
HETATM 758 O  O   . HOH C 3 .  ? -10.663 -0.454  7.189   1.00 44.21 ? 220 HOH A O   1 
HETATM 759 O  O   . HOH C 3 .  ? -11.859 -13.618 7.126   1.00 45.08 ? 221 HOH A O   1 
HETATM 760 O  O   . HOH C 3 .  ? -3.308  10.569  -4.201  1.00 46.92 ? 222 HOH A O   1 
HETATM 761 O  O   . HOH C 3 .  ? 15.488  4.604   -5.509  1.00 41.99 ? 223 HOH A O   1 
HETATM 762 O  O   . HOH C 3 .  ? -9.371  -12.706 9.203   1.00 53.35 ? 225 HOH A O   1 
HETATM 763 O  O   . HOH C 3 .  ? -2.511  2.504   11.256  1.00 40.77 ? 226 HOH A O   1 
HETATM 764 O  O   . HOH C 3 .  ? 9.143   0.602   -10.242 1.00 45.53 ? 227 HOH A O   1 
HETATM 765 O  O   . HOH C 3 .  ? -4.158  -10.180 10.919  1.00 37.83 ? 228 HOH A O   1 
HETATM 766 O  O   . HOH C 3 .  ? -17.359 -3.720  -6.060  1.00 39.79 ? 229 HOH A O   1 
HETATM 767 O  O   . HOH C 3 .  ? 5.892   13.815  5.886   1.00 46.07 ? 230 HOH A O   1 
HETATM 768 O  O   . HOH C 3 .  ? -7.013  -6.887  4.943   1.00 29.85 ? 231 HOH A O   1 
HETATM 769 O  O   . HOH C 3 .  ? -12.499 -11.646 -3.612  1.00 47.14 ? 232 HOH A O   1 
HETATM 770 O  O   . HOH C 3 .  ? 6.272   -5.203  -7.037  1.00 39.87 ? 233 HOH A O   1 
HETATM 771 O  O   . HOH C 3 .  ? -13.460 6.434   -1.893  1.00 31.88 ? 234 HOH A O   1 
HETATM 772 O  O   . HOH C 3 .  ? -7.580  7.945   -2.435  1.00 38.06 ? 235 HOH A O   1 
HETATM 773 O  O   . HOH C 3 .  ? 8.562   0.726   13.022  1.00 39.86 ? 236 HOH A O   1 
HETATM 774 O  O   . HOH C 3 .  ? 6.165   -8.858  -6.215  1.00 39.71 ? 237 HOH A O   1 
HETATM 775 O  O   . HOH C 3 .  ? 14.528  -4.390  6.113   1.00 41.60 ? 238 HOH A O   1 
HETATM 776 O  O   . HOH C 3 .  ? -8.560  8.104   -5.333  1.00 52.22 ? 239 HOH A O   1 
HETATM 777 O  O   . HOH C 3 .  ? -6.339  8.129   -6.461  1.00 48.06 ? 240 HOH A O   1 
HETATM 778 O  O   . HOH C 3 .  ? -9.336  -3.076  -8.614  1.00 40.04 ? 241 HOH A O   1 
HETATM 779 O  O   . HOH C 3 .  ? 0.567   -2.384  15.842  1.00 41.69 ? 242 HOH A O   1 
HETATM 780 O  O   . HOH C 3 .  ? 8.734   -6.246  -8.246  1.00 45.69 ? 243 HOH A O   1 
HETATM 781 O  O   . HOH C 3 .  ? -1.652  8.884   7.487   1.00 31.56 ? 244 HOH A O   1 
HETATM 782 O  O   . HOH C 3 .  ? 11.188  -5.431  -8.436  1.00 40.69 ? 245 HOH A O   1 
HETATM 783 O  O   . HOH C 3 .  ? -0.770  -13.870 -1.703  1.00 43.68 ? 246 HOH A O   1 
HETATM 784 O  O   . HOH C 3 .  ? 16.175  7.171   0.463   1.00 49.60 ? 247 HOH A O   1 
HETATM 785 O  O   . HOH C 3 .  ? -15.356 2.291   4.054   1.00 41.90 ? 248 HOH A O   1 
HETATM 786 O  O   . HOH C 3 .  ? -12.826 2.364   4.507   1.00 45.56 ? 249 HOH A O   1 
HETATM 787 O  O   . HOH C 3 .  ? -13.362 -5.950  -6.564  1.00 43.43 ? 250 HOH A O   1 
HETATM 788 O  O   . HOH C 3 .  ? 19.741  -4.090  -8.099  1.00 44.68 ? 251 HOH A O   1 
HETATM 789 O  O   . HOH C 3 .  ? -17.377 -8.244  1.533   1.00 43.54 ? 252 HOH A O   1 
HETATM 790 O  O   . HOH C 3 .  ? -13.595 12.381  -3.687  1.00 44.28 ? 253 HOH A O   1 
HETATM 791 O  O   . HOH C 3 .  ? -6.751  10.221  -4.264  1.00 47.95 ? 254 HOH A O   1 
HETATM 792 O  O   . HOH C 3 .  ? -7.434  4.807   -11.801 1.00 45.69 ? 255 HOH A O   1 
HETATM 793 O  O   . HOH C 3 .  ? 13.788  -6.710  10.084  1.00 41.96 ? 256 HOH A O   1 
HETATM 794 O  O   . HOH C 3 .  ? 9.725   10.236  8.716   1.00 46.42 ? 257 HOH A O   1 
HETATM 795 O  O   . HOH C 3 .  ? -1.851  -12.977 3.075   1.00 55.43 ? 258 HOH A O   1 
HETATM 796 O  O   . HOH C 3 .  ? -15.784 9.553   -4.020  1.00 50.07 ? 259 HOH A O   1 
HETATM 797 O  O   . HOH C 3 .  ? 7.753   10.172  11.584  1.00 56.72 ? 260 HOH A O   1 
HETATM 798 O  O   . HOH C 3 .  ? -5.167  0.226   11.336  1.00 50.62 ? 261 HOH A O   1 
HETATM 799 O  O   . HOH C 3 .  ? -14.418 -0.721  4.373   1.00 58.24 ? 262 HOH A O   1 
HETATM 800 O  O   . HOH C 3 .  ? 7.015   9.997   8.856   1.00 53.20 ? 263 HOH A O   1 
HETATM 801 O  O   . HOH C 3 .  ? 18.117  7.159   6.609   1.00 50.01 ? 264 HOH A O   1 
HETATM 802 O  O   . HOH C 3 .  ? 14.801  -5.936  3.744   0.50 37.36 ? 265 HOH A O   1 
# 
